data_1IKK
# 
_entry.id   1IKK 
# 
_audit_conform.dict_name       mmcif_pdbx.dic 
_audit_conform.dict_version    5.389 
_audit_conform.dict_location   http://mmcif.pdb.org/dictionaries/ascii/mmcif_pdbx.dic 
# 
loop_
_database_2.database_id 
_database_2.database_code 
_database_2.pdbx_database_accession 
_database_2.pdbx_DOI 
PDB   1IKK         pdb_00001ikk 10.2210/pdb1ikk/pdb 
NDB   BD0051       ?            ?                   
RCSB  RCSB013367   ?            ?                   
WWPDB D_1000013367 ?            ?                   
# 
loop_
_pdbx_audit_revision_history.ordinal 
_pdbx_audit_revision_history.data_content_type 
_pdbx_audit_revision_history.major_revision 
_pdbx_audit_revision_history.minor_revision 
_pdbx_audit_revision_history.revision_date 
1 'Structure model' 1 0 2001-10-05 
2 'Structure model' 1 1 2008-04-27 
3 'Structure model' 1 2 2011-07-13 
4 'Structure model' 1 3 2019-07-24 
5 'Structure model' 1 4 2024-02-07 
6 'Structure model' 1 5 2024-04-03 
# 
_pdbx_audit_revision_details.ordinal             1 
_pdbx_audit_revision_details.revision_ordinal    1 
_pdbx_audit_revision_details.data_content_type   'Structure model' 
_pdbx_audit_revision_details.provider            repository 
_pdbx_audit_revision_details.type                'Initial release' 
_pdbx_audit_revision_details.description         ? 
_pdbx_audit_revision_details.details             ? 
# 
loop_
_pdbx_audit_revision_group.ordinal 
_pdbx_audit_revision_group.revision_ordinal 
_pdbx_audit_revision_group.data_content_type 
_pdbx_audit_revision_group.group 
1 2 'Structure model' 'Version format compliance' 
2 3 'Structure model' 'Version format compliance' 
3 4 'Structure model' 'Data collection'           
4 4 'Structure model' 'Refinement description'    
5 5 'Structure model' 'Data collection'           
6 5 'Structure model' 'Database references'       
7 5 'Structure model' 'Derived calculations'      
8 6 'Structure model' 'Refinement description'    
# 
loop_
_pdbx_audit_revision_category.ordinal 
_pdbx_audit_revision_category.revision_ordinal 
_pdbx_audit_revision_category.data_content_type 
_pdbx_audit_revision_category.category 
1 4 'Structure model' software                      
2 5 'Structure model' chem_comp_atom                
3 5 'Structure model' chem_comp_bond                
4 5 'Structure model' database_2                    
5 5 'Structure model' pdbx_struct_conn_angle        
6 5 'Structure model' struct_conn                   
7 5 'Structure model' struct_site                   
8 6 'Structure model' pdbx_initial_refinement_model 
# 
loop_
_pdbx_audit_revision_item.ordinal 
_pdbx_audit_revision_item.revision_ordinal 
_pdbx_audit_revision_item.data_content_type 
_pdbx_audit_revision_item.item 
1  4 'Structure model' '_software.name'                              
2  5 'Structure model' '_database_2.pdbx_DOI'                        
3  5 'Structure model' '_database_2.pdbx_database_accession'         
4  5 'Structure model' '_pdbx_struct_conn_angle.ptnr1_auth_asym_id'  
5  5 'Structure model' '_pdbx_struct_conn_angle.ptnr1_auth_seq_id'   
6  5 'Structure model' '_pdbx_struct_conn_angle.ptnr1_label_asym_id' 
7  5 'Structure model' '_pdbx_struct_conn_angle.ptnr2_auth_asym_id'  
8  5 'Structure model' '_pdbx_struct_conn_angle.ptnr2_auth_seq_id'   
9  5 'Structure model' '_pdbx_struct_conn_angle.ptnr2_label_asym_id' 
10 5 'Structure model' '_pdbx_struct_conn_angle.ptnr3_auth_asym_id'  
11 5 'Structure model' '_pdbx_struct_conn_angle.ptnr3_auth_seq_id'   
12 5 'Structure model' '_pdbx_struct_conn_angle.ptnr3_label_asym_id' 
13 5 'Structure model' '_pdbx_struct_conn_angle.value'               
14 5 'Structure model' '_struct_conn.pdbx_dist_value'                
15 5 'Structure model' '_struct_conn.ptnr1_auth_asym_id'             
16 5 'Structure model' '_struct_conn.ptnr1_auth_comp_id'             
17 5 'Structure model' '_struct_conn.ptnr1_auth_seq_id'              
18 5 'Structure model' '_struct_conn.ptnr1_label_asym_id'            
19 5 'Structure model' '_struct_conn.ptnr1_label_atom_id'            
20 5 'Structure model' '_struct_conn.ptnr1_label_comp_id'            
21 5 'Structure model' '_struct_conn.ptnr2_auth_asym_id'             
22 5 'Structure model' '_struct_conn.ptnr2_auth_comp_id'             
23 5 'Structure model' '_struct_conn.ptnr2_auth_seq_id'              
24 5 'Structure model' '_struct_conn.ptnr2_label_asym_id'            
25 5 'Structure model' '_struct_conn.ptnr2_label_atom_id'            
26 5 'Structure model' '_struct_conn.ptnr2_label_comp_id'            
27 5 'Structure model' '_struct_site.pdbx_auth_asym_id'              
28 5 'Structure model' '_struct_site.pdbx_auth_comp_id'              
29 5 'Structure model' '_struct_site.pdbx_auth_seq_id'               
# 
_pdbx_database_status.status_code                     REL 
_pdbx_database_status.entry_id                        1IKK 
_pdbx_database_status.recvd_initial_deposition_date   2001-05-03 
_pdbx_database_status.deposit_site                    RCSB 
_pdbx_database_status.process_site                    RCSB 
_pdbx_database_status.status_code_sf                  REL 
_pdbx_database_status.SG_entry                        . 
_pdbx_database_status.pdb_format_compatible           Y 
_pdbx_database_status.status_code_mr                  ? 
_pdbx_database_status.status_code_cs                  ? 
_pdbx_database_status.methods_development_category    ? 
_pdbx_database_status.status_code_nmr_data            ? 
# 
loop_
_audit_author.name 
_audit_author.pdbx_ordinal 
'Mack, D.R.'      1 
'Chiu, T.K.'      2 
'Dickerson, R.E.' 3 
# 
_citation.id                        primary 
_citation.title                     
'Intrinsic bending and deformability at the T-A step of CCTTTAAAGG: a comparative analysis of T-A and A-T steps within A-tracts.' 
_citation.journal_abbrev            J.Mol.Biol. 
_citation.journal_volume            312 
_citation.page_first                1037 
_citation.page_last                 1049 
_citation.year                      2001 
_citation.journal_id_ASTM           JMOBAK 
_citation.country                   UK 
_citation.journal_id_ISSN           0022-2836 
_citation.journal_id_CSD            0070 
_citation.book_publisher            ? 
_citation.pdbx_database_id_PubMed   11580248 
_citation.pdbx_database_id_DOI      10.1006/jmbi.2001.4994 
# 
loop_
_citation_author.citation_id 
_citation_author.name 
_citation_author.ordinal 
_citation_author.identifier_ORCID 
primary 'Mack, D.R.'      1 ? 
primary 'Chiu, T.K.'      2 ? 
primary 'Dickerson, R.E.' 3 ? 
# 
loop_
_entity.id 
_entity.type 
_entity.src_method 
_entity.pdbx_description 
_entity.formula_weight 
_entity.pdbx_number_of_molecules 
_entity.pdbx_ec 
_entity.pdbx_mutation 
_entity.pdbx_fragment 
_entity.details 
1 polymer     syn "5'-D(*CP*CP*TP*TP*TP*AP*AP*AP*GP*G)-3'" 3044.016 2   ? ? ? ? 
2 non-polymer syn 'MAGNESIUM ION'                          24.305   4   ? ? ? ? 
3 water       nat water                                    18.015   133 ? ? ? ? 
# 
_entity_poly.entity_id                      1 
_entity_poly.type                           polydeoxyribonucleotide 
_entity_poly.nstd_linkage                   no 
_entity_poly.nstd_monomer                   no 
_entity_poly.pdbx_seq_one_letter_code       '(DC)(DC)(DT)(DT)(DT)(DA)(DA)(DA)(DG)(DG)' 
_entity_poly.pdbx_seq_one_letter_code_can   CCTTTAAAGG 
_entity_poly.pdbx_strand_id                 A,B 
_entity_poly.pdbx_target_identifier         ? 
# 
loop_
_pdbx_entity_nonpoly.entity_id 
_pdbx_entity_nonpoly.name 
_pdbx_entity_nonpoly.comp_id 
2 'MAGNESIUM ION' MG  
3 water           HOH 
# 
loop_
_entity_poly_seq.entity_id 
_entity_poly_seq.num 
_entity_poly_seq.mon_id 
_entity_poly_seq.hetero 
1 1  DC n 
1 2  DC n 
1 3  DT n 
1 4  DT n 
1 5  DT n 
1 6  DA n 
1 7  DA n 
1 8  DA n 
1 9  DG n 
1 10 DG n 
# 
_pdbx_entity_src_syn.entity_id              1 
_pdbx_entity_src_syn.pdbx_src_id            1 
_pdbx_entity_src_syn.pdbx_alt_source_flag   sample 
_pdbx_entity_src_syn.pdbx_beg_seq_num       ? 
_pdbx_entity_src_syn.pdbx_end_seq_num       ? 
_pdbx_entity_src_syn.organism_scientific    ? 
_pdbx_entity_src_syn.organism_common_name   ? 
_pdbx_entity_src_syn.ncbi_taxonomy_id       ? 
_pdbx_entity_src_syn.details                'It was synthesized on a Eppendorf ECOSYN D300 Synthesizer' 
# 
loop_
_chem_comp.id 
_chem_comp.type 
_chem_comp.mon_nstd_flag 
_chem_comp.name 
_chem_comp.pdbx_synonyms 
_chem_comp.formula 
_chem_comp.formula_weight 
DA  'DNA linking' y "2'-DEOXYADENOSINE-5'-MONOPHOSPHATE" ? 'C10 H14 N5 O6 P' 331.222 
DC  'DNA linking' y "2'-DEOXYCYTIDINE-5'-MONOPHOSPHATE"  ? 'C9 H14 N3 O7 P'  307.197 
DG  'DNA linking' y "2'-DEOXYGUANOSINE-5'-MONOPHOSPHATE" ? 'C10 H14 N5 O7 P' 347.221 
DT  'DNA linking' y "THYMIDINE-5'-MONOPHOSPHATE"         ? 'C10 H15 N2 O8 P' 322.208 
HOH non-polymer   . WATER                                ? 'H2 O'            18.015  
MG  non-polymer   . 'MAGNESIUM ION'                      ? 'Mg 2'            24.305  
# 
loop_
_pdbx_poly_seq_scheme.asym_id 
_pdbx_poly_seq_scheme.entity_id 
_pdbx_poly_seq_scheme.seq_id 
_pdbx_poly_seq_scheme.mon_id 
_pdbx_poly_seq_scheme.ndb_seq_num 
_pdbx_poly_seq_scheme.pdb_seq_num 
_pdbx_poly_seq_scheme.auth_seq_num 
_pdbx_poly_seq_scheme.pdb_mon_id 
_pdbx_poly_seq_scheme.auth_mon_id 
_pdbx_poly_seq_scheme.pdb_strand_id 
_pdbx_poly_seq_scheme.pdb_ins_code 
_pdbx_poly_seq_scheme.hetero 
A 1 1  DC 1  1  1  DC C A . n 
A 1 2  DC 2  2  2  DC C A . n 
A 1 3  DT 3  3  3  DT T A . n 
A 1 4  DT 4  4  4  DT T A . n 
A 1 5  DT 5  5  5  DT T A . n 
A 1 6  DA 6  6  6  DA A A . n 
A 1 7  DA 7  7  7  DA A A . n 
A 1 8  DA 8  8  8  DA A A . n 
A 1 9  DG 9  9  9  DG G A . n 
A 1 10 DG 10 10 10 DG G A . n 
B 1 1  DC 1  11 11 DC C B . n 
B 1 2  DC 2  12 12 DC C B . n 
B 1 3  DT 3  13 13 DT T B . n 
B 1 4  DT 4  14 14 DT T B . n 
B 1 5  DT 5  15 15 DT T B . n 
B 1 6  DA 6  16 16 DA A B . n 
B 1 7  DA 7  17 17 DA A B . n 
B 1 8  DA 8  18 18 DA A B . n 
B 1 9  DG 9  19 19 DG G B . n 
B 1 10 DG 10 20 20 DG G B . n 
# 
loop_
_pdbx_nonpoly_scheme.asym_id 
_pdbx_nonpoly_scheme.entity_id 
_pdbx_nonpoly_scheme.mon_id 
_pdbx_nonpoly_scheme.ndb_seq_num 
_pdbx_nonpoly_scheme.pdb_seq_num 
_pdbx_nonpoly_scheme.auth_seq_num 
_pdbx_nonpoly_scheme.pdb_mon_id 
_pdbx_nonpoly_scheme.auth_mon_id 
_pdbx_nonpoly_scheme.pdb_strand_id 
_pdbx_nonpoly_scheme.pdb_ins_code 
C 2 MG  1  22  22  MG  MO6 A . 
D 2 MG  1  23  23  MG  MO6 A . 
E 2 MG  1  21  21  MG  MO6 B . 
F 2 MG  1  24  24  MG  MO6 B . 
G 3 HOH 1  27  27  HOH HOH A . 
G 3 HOH 2  28  28  HOH HOH A . 
G 3 HOH 3  29  29  HOH HOH A . 
G 3 HOH 4  30  30  HOH HOH A . 
G 3 HOH 5  32  32  HOH HOH A . 
G 3 HOH 6  34  34  HOH HOH A . 
G 3 HOH 7  36  36  HOH HOH A . 
G 3 HOH 8  38  38  HOH HOH A . 
G 3 HOH 9  39  39  HOH HOH A . 
G 3 HOH 10 40  40  HOH HOH A . 
G 3 HOH 11 41  41  HOH HOH A . 
G 3 HOH 12 42  42  HOH HOH A . 
G 3 HOH 13 43  43  HOH HOH A . 
G 3 HOH 14 44  44  HOH HOH A . 
G 3 HOH 15 47  47  HOH HOH A . 
G 3 HOH 16 48  48  HOH HOH A . 
G 3 HOH 17 49  49  HOH HOH A . 
G 3 HOH 18 50  50  HOH HOH A . 
G 3 HOH 19 51  51  HOH HOH A . 
G 3 HOH 20 52  52  HOH HOH A . 
G 3 HOH 21 53  53  HOH HOH A . 
G 3 HOH 22 54  54  HOH HOH A . 
G 3 HOH 23 55  55  HOH HOH A . 
G 3 HOH 24 56  56  HOH HOH A . 
G 3 HOH 25 62  62  HOH HOH A . 
G 3 HOH 26 63  63  HOH HOH A . 
G 3 HOH 27 64  64  HOH HOH A . 
G 3 HOH 28 65  65  HOH HOH A . 
G 3 HOH 29 70  70  HOH HOH A . 
G 3 HOH 30 72  72  HOH HOH A . 
G 3 HOH 31 73  73  HOH HOH A . 
G 3 HOH 32 74  74  HOH HOH A . 
G 3 HOH 33 75  75  HOH HOH A . 
G 3 HOH 34 76  76  HOH HOH A . 
G 3 HOH 35 77  77  HOH HOH A . 
G 3 HOH 36 78  78  HOH HOH A . 
G 3 HOH 37 81  81  HOH HOH A . 
G 3 HOH 38 82  82  HOH HOH A . 
G 3 HOH 39 83  83  HOH HOH A . 
G 3 HOH 40 84  84  HOH HOH A . 
G 3 HOH 41 86  86  HOH HOH A . 
G 3 HOH 42 94  94  HOH HOH A . 
G 3 HOH 43 95  95  HOH HOH A . 
G 3 HOH 44 99  99  HOH HOH A . 
G 3 HOH 45 101 101 HOH HOH A . 
G 3 HOH 46 105 105 HOH HOH A . 
G 3 HOH 47 109 109 HOH HOH A . 
G 3 HOH 48 111 111 HOH HOH A . 
G 3 HOH 49 113 113 HOH HOH A . 
G 3 HOH 50 118 118 HOH HOH A . 
G 3 HOH 51 119 119 HOH HOH A . 
G 3 HOH 52 120 120 HOH HOH A . 
G 3 HOH 53 122 122 HOH HOH A . 
G 3 HOH 54 125 125 HOH HOH A . 
G 3 HOH 55 127 127 HOH HOH A . 
G 3 HOH 56 129 129 HOH HOH A . 
G 3 HOH 57 133 133 HOH HOH A . 
G 3 HOH 58 135 21  HOH MO6 A . 
G 3 HOH 59 137 21  HOH MO6 A . 
G 3 HOH 60 138 21  HOH MO6 A . 
G 3 HOH 61 139 21  HOH MO6 A . 
G 3 HOH 62 140 22  HOH MO6 A . 
G 3 HOH 63 141 22  HOH MO6 A . 
G 3 HOH 64 142 22  HOH MO6 A . 
G 3 HOH 65 144 22  HOH MO6 A . 
G 3 HOH 66 148 23  HOH MO6 A . 
H 3 HOH 1  25  25  HOH HOH B . 
H 3 HOH 2  26  26  HOH HOH B . 
H 3 HOH 3  31  31  HOH HOH B . 
H 3 HOH 4  33  33  HOH HOH B . 
H 3 HOH 5  35  35  HOH HOH B . 
H 3 HOH 6  37  37  HOH HOH B . 
H 3 HOH 7  45  45  HOH HOH B . 
H 3 HOH 8  46  46  HOH HOH B . 
H 3 HOH 9  57  57  HOH HOH B . 
H 3 HOH 10 58  58  HOH HOH B . 
H 3 HOH 11 59  59  HOH HOH B . 
H 3 HOH 12 60  60  HOH HOH B . 
H 3 HOH 13 61  61  HOH HOH B . 
H 3 HOH 14 66  66  HOH HOH B . 
H 3 HOH 15 67  67  HOH HOH B . 
H 3 HOH 16 68  68  HOH HOH B . 
H 3 HOH 17 69  69  HOH HOH B . 
H 3 HOH 18 71  71  HOH HOH B . 
H 3 HOH 19 79  79  HOH HOH B . 
H 3 HOH 20 80  80  HOH HOH B . 
H 3 HOH 21 85  85  HOH HOH B . 
H 3 HOH 22 87  87  HOH HOH B . 
H 3 HOH 23 88  88  HOH HOH B . 
H 3 HOH 24 89  89  HOH HOH B . 
H 3 HOH 25 90  90  HOH HOH B . 
H 3 HOH 26 91  91  HOH HOH B . 
H 3 HOH 27 92  92  HOH HOH B . 
H 3 HOH 28 93  93  HOH HOH B . 
H 3 HOH 29 96  96  HOH HOH B . 
H 3 HOH 30 97  97  HOH HOH B . 
H 3 HOH 31 98  98  HOH HOH B . 
H 3 HOH 32 100 100 HOH HOH B . 
H 3 HOH 33 102 102 HOH HOH B . 
H 3 HOH 34 103 103 HOH HOH B . 
H 3 HOH 35 104 104 HOH HOH B . 
H 3 HOH 36 106 106 HOH HOH B . 
H 3 HOH 37 107 107 HOH HOH B . 
H 3 HOH 38 108 108 HOH HOH B . 
H 3 HOH 39 110 110 HOH HOH B . 
H 3 HOH 40 112 112 HOH HOH B . 
H 3 HOH 41 114 114 HOH HOH B . 
H 3 HOH 42 115 115 HOH HOH B . 
H 3 HOH 43 116 116 HOH HOH B . 
H 3 HOH 44 117 117 HOH HOH B . 
H 3 HOH 45 121 121 HOH HOH B . 
H 3 HOH 46 123 123 HOH HOH B . 
H 3 HOH 47 124 124 HOH HOH B . 
H 3 HOH 48 126 126 HOH HOH B . 
H 3 HOH 49 128 128 HOH HOH B . 
H 3 HOH 50 130 130 HOH HOH B . 
H 3 HOH 51 131 131 HOH HOH B . 
H 3 HOH 52 132 132 HOH HOH B . 
H 3 HOH 53 134 21  HOH MO6 B . 
H 3 HOH 54 136 21  HOH MO6 B . 
H 3 HOH 55 143 22  HOH MO6 B . 
H 3 HOH 56 145 22  HOH MO6 B . 
H 3 HOH 57 146 23  HOH MO6 B . 
H 3 HOH 58 147 23  HOH MO6 B . 
H 3 HOH 59 149 23  HOH MO6 B . 
H 3 HOH 60 150 23  HOH MO6 B . 
H 3 HOH 61 151 23  HOH MO6 B . 
H 3 HOH 62 152 24  HOH MO6 B . 
H 3 HOH 63 153 24  HOH MO6 B . 
H 3 HOH 64 154 24  HOH MO6 B . 
H 3 HOH 65 155 24  HOH MO6 B . 
H 3 HOH 66 156 24  HOH MO6 B . 
H 3 HOH 67 157 24  HOH MO6 B . 
# 
loop_
_software.name 
_software.classification 
_software.version 
_software.citation_id 
_software.pdbx_ordinal 
SHELXL-97 refinement       . ? 1 
CNS       refinement       . ? 2 
DENZO     'data reduction' . ? 3 
SCALEPACK 'data scaling'   . ? 4 
CNS       phasing          . ? 5 
# 
_cell.entry_id           1IKK 
_cell.length_a           35.558 
_cell.length_b           38.737 
_cell.length_c           32.508 
_cell.angle_alpha        90.00 
_cell.angle_beta         90.00 
_cell.angle_gamma        90.00 
_cell.Z_PDB              8 
_cell.pdbx_unique_axis   ? 
# 
_symmetry.entry_id                         1IKK 
_symmetry.space_group_name_H-M             'P 21 21 21' 
_symmetry.pdbx_full_space_group_name_H-M   ? 
_symmetry.cell_setting                     ? 
_symmetry.Int_Tables_number                19 
# 
_exptl.entry_id          1IKK 
_exptl.method            'X-RAY DIFFRACTION' 
_exptl.crystals_number   1 
# 
_exptl_crystal.id                    1 
_exptl_crystal.density_meas          ? 
_exptl_crystal.density_Matthews      1.84 
_exptl_crystal.density_percent_sol   33.11 
_exptl_crystal.description           ? 
# 
_exptl_crystal_grow.crystal_id      1 
_exptl_crystal_grow.method          'VAPOR DIFFUSION, SITTING DROP' 
_exptl_crystal_grow.temp            277 
_exptl_crystal_grow.temp_details    ? 
_exptl_crystal_grow.pH              ? 
_exptl_crystal_grow.pdbx_details    'Spermine-HCL, Mg(OAc)2, MPD, VAPOR DIFFUSION, SITTING DROP, temperature 277K' 
_exptl_crystal_grow.pdbx_pH_range   ? 
# 
loop_
_exptl_crystal_grow_comp.crystal_id 
_exptl_crystal_grow_comp.id 
_exptl_crystal_grow_comp.sol_id 
_exptl_crystal_grow_comp.name 
_exptl_crystal_grow_comp.volume 
_exptl_crystal_grow_comp.conc 
_exptl_crystal_grow_comp.details 
1 1 1 Spermine-HCl ? ? ? 
1 2 1 'Mg(OAc)2'   ? ? ? 
1 3 1 MPD          ? ? ? 
1 4 2 MPD          ? ? ? 
# 
_diffrn.id                     1 
_diffrn.ambient_temp           116 
_diffrn.ambient_temp_details   ? 
_diffrn.crystal_id             1 
# 
_diffrn_detector.diffrn_id              1 
_diffrn_detector.detector               'IMAGE PLATE' 
_diffrn_detector.type                   'RIGAKU RAXIS IV' 
_diffrn_detector.pdbx_collection_date   1997-01-01 
_diffrn_detector.details                ? 
# 
_diffrn_radiation.diffrn_id                        1 
_diffrn_radiation.wavelength_id                    1 
_diffrn_radiation.pdbx_monochromatic_or_laue_m_l   M 
_diffrn_radiation.monochromator                    'Yale mirrors' 
_diffrn_radiation.pdbx_diffrn_protocol             'SINGLE WAVELENGTH' 
_diffrn_radiation.pdbx_scattering_type             x-ray 
# 
_diffrn_radiation_wavelength.id           1 
_diffrn_radiation_wavelength.wavelength   1.5418 
_diffrn_radiation_wavelength.wt           1.0 
# 
_diffrn_source.diffrn_id                   1 
_diffrn_source.source                      'ROTATING ANODE' 
_diffrn_source.type                        RIGAKU 
_diffrn_source.pdbx_synchrotron_site       ? 
_diffrn_source.pdbx_synchrotron_beamline   ? 
_diffrn_source.pdbx_wavelength             ? 
_diffrn_source.pdbx_wavelength_list        1.5418 
# 
_reflns.entry_id                     1IKK 
_reflns.observed_criterion_sigma_I   -3.0 
_reflns.observed_criterion_sigma_F   ? 
_reflns.d_resolution_low             40.0 
_reflns.d_resolution_high            1.60 
_reflns.number_obs                   6263 
_reflns.number_all                   6276 
_reflns.percent_possible_obs         99.2 
_reflns.pdbx_Rmerge_I_obs            0.0840000 
_reflns.pdbx_Rsym_value              ? 
_reflns.pdbx_netI_over_sigmaI        26.2 
_reflns.B_iso_Wilson_estimate        31.9 
_reflns.pdbx_redundancy              10.5 
_reflns.R_free_details               ? 
_reflns.pdbx_diffrn_id               1 
_reflns.pdbx_ordinal                 1 
# 
_reflns_shell.d_res_high             1.60 
_reflns_shell.d_res_low              1.72 
_reflns_shell.percent_possible_all   98.0 
_reflns_shell.Rmerge_I_obs           0.2680000 
_reflns_shell.pdbx_Rsym_value        ? 
_reflns_shell.meanI_over_sigI_obs    11.2 
_reflns_shell.pdbx_redundancy        8.1 
_reflns_shell.percent_possible_obs   ? 
_reflns_shell.number_unique_all      ? 
_reflns_shell.pdbx_diffrn_id         ? 
_reflns_shell.pdbx_ordinal           1 
# 
_refine.entry_id                                 1IKK 
_refine.ls_number_reflns_obs                     5756 
_refine.ls_number_reflns_all                     6236 
_refine.pdbx_ls_sigma_I                          2.0 
_refine.pdbx_ls_sigma_F                          4.0 
_refine.pdbx_data_cutoff_high_absF               ? 
_refine.pdbx_data_cutoff_low_absF                ? 
_refine.ls_d_res_low                             40.0 
_refine.ls_d_res_high                            1.60 
_refine.ls_percent_reflns_obs                    ? 
_refine.ls_R_factor_obs                          0.1840000 
_refine.ls_R_factor_all                          0.1920000 
_refine.ls_R_factor_R_work                       0.1770000 
_refine.ls_R_factor_R_free                       0.2360000 
_refine.ls_R_factor_R_free_error                 ? 
_refine.ls_R_factor_R_free_error_details         ? 
_refine.ls_percent_reflns_R_free                 ? 
_refine.ls_number_reflns_R_free                  627 
_refine.ls_number_parameters                     ? 
_refine.ls_number_restraints                     ? 
_refine.occupancy_min                            ? 
_refine.occupancy_max                            ? 
_refine.B_iso_mean                               ? 
_refine.aniso_B[1][1]                            ? 
_refine.aniso_B[2][2]                            ? 
_refine.aniso_B[3][3]                            ? 
_refine.aniso_B[1][2]                            ? 
_refine.aniso_B[1][3]                            ? 
_refine.aniso_B[2][3]                            ? 
_refine.solvent_model_details                    ? 
_refine.solvent_model_param_ksol                 ? 
_refine.solvent_model_param_bsol                 ? 
_refine.pdbx_ls_cross_valid_method               THROUGHOUT 
_refine.details                                  ? 
_refine.pdbx_starting_model                      'NDB entry bdj036' 
_refine.pdbx_method_to_determine_struct          'MOLECULAR REPLACEMENT' 
_refine.pdbx_isotropic_thermal_model             ? 
_refine.pdbx_stereochemistry_target_values       ? 
_refine.pdbx_stereochem_target_val_spec_case     ? 
_refine.pdbx_R_Free_selection_details            random 
_refine.pdbx_overall_ESU_R_Free                  ? 
_refine.overall_SU_B                             ? 
_refine.ls_redundancy_reflns_obs                 ? 
_refine.correlation_coeff_Fo_to_Fc               ? 
_refine.correlation_coeff_Fo_to_Fc_free          ? 
_refine.overall_SU_R_Cruickshank_DPI             ? 
_refine.overall_SU_R_free                        ? 
_refine.overall_SU_ML                            ? 
_refine.pdbx_overall_ESU_R                       ? 
_refine.pdbx_data_cutoff_high_rms_absF           ? 
_refine.pdbx_refine_id                           'X-RAY DIFFRACTION' 
_refine.pdbx_diffrn_id                           1 
_refine.pdbx_TLS_residual_ADP_flag               ? 
_refine.pdbx_solvent_vdw_probe_radii             ? 
_refine.pdbx_solvent_ion_probe_radii             ? 
_refine.pdbx_solvent_shrinkage_radii             ? 
_refine.pdbx_overall_phase_error                 ? 
_refine.pdbx_overall_SU_R_free_Cruickshank_DPI   ? 
_refine.pdbx_overall_SU_R_Blow_DPI               ? 
_refine.pdbx_overall_SU_R_free_Blow_DPI          ? 
# 
_refine_hist.pdbx_refine_id                   'X-RAY DIFFRACTION' 
_refine_hist.cycle_id                         LAST 
_refine_hist.pdbx_number_atoms_protein        0 
_refine_hist.pdbx_number_atoms_nucleic_acid   404 
_refine_hist.pdbx_number_atoms_ligand         28 
_refine_hist.number_atoms_solvent             109 
_refine_hist.number_atoms_total               541 
_refine_hist.d_res_high                       1.60 
_refine_hist.d_res_low                        40.0 
# 
loop_
_refine_ls_restr.type 
_refine_ls_restr.dev_ideal 
_refine_ls_restr.dev_ideal_target 
_refine_ls_restr.weight 
_refine_ls_restr.number 
_refine_ls_restr.pdbx_refine_id 
_refine_ls_restr.pdbx_restraint_function 
s_angle_d 2.32  ? ? ? 'X-RAY DIFFRACTION' ? 
s_bond_d  0.013 ? ? ? 'X-RAY DIFFRACTION' ? 
# 
_struct.entry_id                  1IKK 
_struct.title                     
'Intrinsic Bending and Deformability at the T-A step of CCTTTAAAGG: A Comparative Analysis of T-A and A-T steps within A-tracts' 
_struct.pdbx_model_details        ? 
_struct.pdbx_CASP_flag            ? 
_struct.pdbx_model_type_details   ? 
# 
_struct_keywords.entry_id        1IKK 
_struct_keywords.pdbx_keywords   DNA 
_struct_keywords.text            'B-DNA double helix, A-tract containing a T-A step, DNA' 
# 
loop_
_struct_asym.id 
_struct_asym.pdbx_blank_PDB_chainid_flag 
_struct_asym.pdbx_modified 
_struct_asym.entity_id 
_struct_asym.details 
A N N 1 ? 
B N N 1 ? 
C N N 2 ? 
D N N 2 ? 
E N N 2 ? 
F N N 2 ? 
G N N 3 ? 
H N N 3 ? 
# 
_struct_ref.id                         1 
_struct_ref.entity_id                  1 
_struct_ref.db_name                    PDB 
_struct_ref.db_code                    1IKK 
_struct_ref.pdbx_db_accession          1IKK 
_struct_ref.pdbx_db_isoform            ? 
_struct_ref.pdbx_seq_one_letter_code   ? 
_struct_ref.pdbx_align_begin           ? 
# 
loop_
_struct_ref_seq.align_id 
_struct_ref_seq.ref_id 
_struct_ref_seq.pdbx_PDB_id_code 
_struct_ref_seq.pdbx_strand_id 
_struct_ref_seq.seq_align_beg 
_struct_ref_seq.pdbx_seq_align_beg_ins_code 
_struct_ref_seq.seq_align_end 
_struct_ref_seq.pdbx_seq_align_end_ins_code 
_struct_ref_seq.pdbx_db_accession 
_struct_ref_seq.db_align_beg 
_struct_ref_seq.pdbx_db_align_beg_ins_code 
_struct_ref_seq.db_align_end 
_struct_ref_seq.pdbx_db_align_end_ins_code 
_struct_ref_seq.pdbx_auth_seq_align_beg 
_struct_ref_seq.pdbx_auth_seq_align_end 
1 1 1IKK A 1 ? 10 ? 1IKK 1  ? 10 ? 1  10 
2 1 1IKK B 1 ? 10 ? 1IKK 11 ? 20 ? 11 20 
# 
_pdbx_struct_assembly.id                   1 
_pdbx_struct_assembly.details              author_defined_assembly 
_pdbx_struct_assembly.method_details       ? 
_pdbx_struct_assembly.oligomeric_details   dimeric 
_pdbx_struct_assembly.oligomeric_count     2 
# 
_pdbx_struct_assembly_gen.assembly_id       1 
_pdbx_struct_assembly_gen.oper_expression   1 
_pdbx_struct_assembly_gen.asym_id_list      A,B,C,D,E,F,G,H 
# 
_pdbx_struct_oper_list.id                   1 
_pdbx_struct_oper_list.type                 'identity operation' 
_pdbx_struct_oper_list.name                 1_555 
_pdbx_struct_oper_list.symmetry_operation   x,y,z 
_pdbx_struct_oper_list.matrix[1][1]         1.0000000000 
_pdbx_struct_oper_list.matrix[1][2]         0.0000000000 
_pdbx_struct_oper_list.matrix[1][3]         0.0000000000 
_pdbx_struct_oper_list.vector[1]            0.0000000000 
_pdbx_struct_oper_list.matrix[2][1]         0.0000000000 
_pdbx_struct_oper_list.matrix[2][2]         1.0000000000 
_pdbx_struct_oper_list.matrix[2][3]         0.0000000000 
_pdbx_struct_oper_list.vector[2]            0.0000000000 
_pdbx_struct_oper_list.matrix[3][1]         0.0000000000 
_pdbx_struct_oper_list.matrix[3][2]         0.0000000000 
_pdbx_struct_oper_list.matrix[3][3]         1.0000000000 
_pdbx_struct_oper_list.vector[3]            0.0000000000 
# 
_struct_biol.id                    1 
_struct_biol.pdbx_parent_biol_id   ? 
_struct_biol.details               ? 
# 
loop_
_struct_conn.id 
_struct_conn.conn_type_id 
_struct_conn.pdbx_leaving_atom_flag 
_struct_conn.pdbx_PDB_id 
_struct_conn.ptnr1_label_asym_id 
_struct_conn.ptnr1_label_comp_id 
_struct_conn.ptnr1_label_seq_id 
_struct_conn.ptnr1_label_atom_id 
_struct_conn.pdbx_ptnr1_label_alt_id 
_struct_conn.pdbx_ptnr1_PDB_ins_code 
_struct_conn.pdbx_ptnr1_standard_comp_id 
_struct_conn.ptnr1_symmetry 
_struct_conn.ptnr2_label_asym_id 
_struct_conn.ptnr2_label_comp_id 
_struct_conn.ptnr2_label_seq_id 
_struct_conn.ptnr2_label_atom_id 
_struct_conn.pdbx_ptnr2_label_alt_id 
_struct_conn.pdbx_ptnr2_PDB_ins_code 
_struct_conn.ptnr1_auth_asym_id 
_struct_conn.ptnr1_auth_comp_id 
_struct_conn.ptnr1_auth_seq_id 
_struct_conn.ptnr2_auth_asym_id 
_struct_conn.ptnr2_auth_comp_id 
_struct_conn.ptnr2_auth_seq_id 
_struct_conn.ptnr2_symmetry 
_struct_conn.pdbx_ptnr3_label_atom_id 
_struct_conn.pdbx_ptnr3_label_seq_id 
_struct_conn.pdbx_ptnr3_label_comp_id 
_struct_conn.pdbx_ptnr3_label_asym_id 
_struct_conn.pdbx_ptnr3_label_alt_id 
_struct_conn.pdbx_ptnr3_PDB_ins_code 
_struct_conn.details 
_struct_conn.pdbx_dist_value 
_struct_conn.pdbx_value_order 
_struct_conn.pdbx_role 
metalc1  metalc ? ? C MG  .  MG ? ? ? 1_555 G HOH .  O  ? ? A MG  22  A HOH 140 1_555 ? ? ? ? ? ? ?            1.988 ? ? 
metalc2  metalc ? ? C MG  .  MG ? ? ? 1_555 G HOH .  O  ? ? A MG  22  A HOH 141 1_555 ? ? ? ? ? ? ?            2.223 ? ? 
metalc3  metalc ? ? C MG  .  MG ? ? ? 1_555 G HOH .  O  ? ? A MG  22  A HOH 142 1_555 ? ? ? ? ? ? ?            2.225 ? ? 
metalc4  metalc ? ? C MG  .  MG ? ? ? 1_555 G HOH .  O  ? ? A MG  22  A HOH 144 1_555 ? ? ? ? ? ? ?            2.031 ? ? 
metalc5  metalc ? ? C MG  .  MG ? ? ? 1_555 H HOH .  O  ? ? A MG  22  B HOH 143 1_555 ? ? ? ? ? ? ?            1.989 ? ? 
metalc6  metalc ? ? C MG  .  MG ? ? ? 1_555 H HOH .  O  ? ? A MG  22  B HOH 145 1_555 ? ? ? ? ? ? ?            2.034 ? ? 
metalc7  metalc ? ? D MG  .  MG ? ? ? 1_555 G HOH .  O  ? ? A MG  23  A HOH 148 1_555 ? ? ? ? ? ? ?            2.224 ? ? 
metalc8  metalc ? ? D MG  .  MG ? ? ? 1_555 H HOH .  O  ? ? A MG  23  B HOH 146 1_555 ? ? ? ? ? ? ?            1.992 ? ? 
metalc9  metalc ? ? D MG  .  MG ? ? ? 1_555 H HOH .  O  ? ? A MG  23  B HOH 147 1_555 ? ? ? ? ? ? ?            2.225 ? ? 
metalc10 metalc ? ? D MG  .  MG ? ? ? 1_555 H HOH .  O  ? ? A MG  23  B HOH 149 1_555 ? ? ? ? ? ? ?            1.989 ? ? 
metalc11 metalc ? ? D MG  .  MG ? ? ? 1_555 H HOH .  O  ? ? A MG  23  B HOH 150 1_555 ? ? ? ? ? ? ?            2.030 ? ? 
metalc12 metalc ? ? D MG  .  MG ? ? ? 1_555 H HOH .  O  ? ? A MG  23  B HOH 151 1_555 ? ? ? ? ? ? ?            2.034 ? ? 
metalc13 metalc ? ? G HOH .  O  ? ? ? 1_555 E MG  .  MG ? ? A HOH 135 B MG  21  1_555 ? ? ? ? ? ? ?            2.224 ? ? 
metalc14 metalc ? ? G HOH .  O  ? ? ? 1_555 E MG  .  MG ? ? A HOH 137 B MG  21  1_555 ? ? ? ? ? ? ?            1.991 ? ? 
metalc15 metalc ? ? G HOH .  O  ? ? ? 1_555 E MG  .  MG ? ? A HOH 138 B MG  21  1_555 ? ? ? ? ? ? ?            2.033 ? ? 
metalc16 metalc ? ? G HOH .  O  ? ? ? 1_555 E MG  .  MG ? ? A HOH 139 B MG  21  1_555 ? ? ? ? ? ? ?            2.027 ? ? 
metalc17 metalc ? ? E MG  .  MG ? ? ? 1_555 H HOH .  O  ? ? B MG  21  B HOH 134 1_555 ? ? ? ? ? ? ?            1.991 ? ? 
metalc18 metalc ? ? E MG  .  MG ? ? ? 1_555 H HOH .  O  ? ? B MG  21  B HOH 136 1_555 ? ? ? ? ? ? ?            2.227 ? ? 
metalc19 metalc ? ? F MG  .  MG ? ? ? 1_555 H HOH .  O  ? ? B MG  24  B HOH 152 1_555 ? ? ? ? ? ? ?            1.991 ? ? 
metalc20 metalc ? ? F MG  .  MG ? ? ? 1_555 H HOH .  O  ? ? B MG  24  B HOH 153 1_555 ? ? ? ? ? ? ?            2.226 ? ? 
metalc21 metalc ? ? F MG  .  MG ? ? ? 1_555 H HOH .  O  ? ? B MG  24  B HOH 154 1_555 ? ? ? ? ? ? ?            2.226 ? ? 
metalc22 metalc ? ? F MG  .  MG ? ? ? 1_555 H HOH .  O  ? ? B MG  24  B HOH 155 1_555 ? ? ? ? ? ? ?            1.993 ? ? 
metalc23 metalc ? ? F MG  .  MG ? ? ? 1_555 H HOH .  O  ? ? B MG  24  B HOH 156 1_555 ? ? ? ? ? ? ?            2.028 ? ? 
metalc24 metalc ? ? F MG  .  MG ? ? ? 1_555 H HOH .  O  ? ? B MG  24  B HOH 157 1_555 ? ? ? ? ? ? ?            2.032 ? ? 
hydrog1  hydrog ? ? A DC  1  N3 ? ? ? 1_555 B DG  10 N1 ? ? A DC  1   B DG  20  1_555 ? ? ? ? ? ? WATSON-CRICK ?     ? ? 
hydrog2  hydrog ? ? A DC  1  N4 ? ? ? 1_555 B DG  10 O6 ? ? A DC  1   B DG  20  1_555 ? ? ? ? ? ? WATSON-CRICK ?     ? ? 
hydrog3  hydrog ? ? A DC  1  O2 ? ? ? 1_555 B DG  10 N2 ? ? A DC  1   B DG  20  1_555 ? ? ? ? ? ? WATSON-CRICK ?     ? ? 
hydrog4  hydrog ? ? A DC  2  N3 ? ? ? 1_555 B DG  9  N1 ? ? A DC  2   B DG  19  1_555 ? ? ? ? ? ? WATSON-CRICK ?     ? ? 
hydrog5  hydrog ? ? A DC  2  N4 ? ? ? 1_555 B DG  9  O6 ? ? A DC  2   B DG  19  1_555 ? ? ? ? ? ? WATSON-CRICK ?     ? ? 
hydrog6  hydrog ? ? A DC  2  O2 ? ? ? 1_555 B DG  9  N2 ? ? A DC  2   B DG  19  1_555 ? ? ? ? ? ? WATSON-CRICK ?     ? ? 
hydrog7  hydrog ? ? A DT  3  N3 ? ? ? 1_555 B DA  8  N1 ? ? A DT  3   B DA  18  1_555 ? ? ? ? ? ? WATSON-CRICK ?     ? ? 
hydrog8  hydrog ? ? A DT  3  O4 ? ? ? 1_555 B DA  8  N6 ? ? A DT  3   B DA  18  1_555 ? ? ? ? ? ? WATSON-CRICK ?     ? ? 
hydrog9  hydrog ? ? A DT  4  N3 ? ? ? 1_555 B DA  7  N1 ? ? A DT  4   B DA  17  1_555 ? ? ? ? ? ? WATSON-CRICK ?     ? ? 
hydrog10 hydrog ? ? A DT  4  O4 ? ? ? 1_555 B DA  7  N6 ? ? A DT  4   B DA  17  1_555 ? ? ? ? ? ? WATSON-CRICK ?     ? ? 
hydrog11 hydrog ? ? A DT  5  N3 ? ? ? 1_555 B DA  6  N1 ? ? A DT  5   B DA  16  1_555 ? ? ? ? ? ? WATSON-CRICK ?     ? ? 
hydrog12 hydrog ? ? A DT  5  O4 ? ? ? 1_555 B DA  6  N6 ? ? A DT  5   B DA  16  1_555 ? ? ? ? ? ? WATSON-CRICK ?     ? ? 
hydrog13 hydrog ? ? A DA  6  N1 ? ? ? 1_555 B DT  5  N3 ? ? A DA  6   B DT  15  1_555 ? ? ? ? ? ? WATSON-CRICK ?     ? ? 
hydrog14 hydrog ? ? A DA  6  N6 ? ? ? 1_555 B DT  5  O4 ? ? A DA  6   B DT  15  1_555 ? ? ? ? ? ? WATSON-CRICK ?     ? ? 
hydrog15 hydrog ? ? A DA  7  N1 ? ? ? 1_555 B DT  4  N3 ? ? A DA  7   B DT  14  1_555 ? ? ? ? ? ? WATSON-CRICK ?     ? ? 
hydrog16 hydrog ? ? A DA  7  N6 ? ? ? 1_555 B DT  4  O4 ? ? A DA  7   B DT  14  1_555 ? ? ? ? ? ? WATSON-CRICK ?     ? ? 
hydrog17 hydrog ? ? A DA  8  N1 ? ? ? 1_555 B DT  3  N3 ? ? A DA  8   B DT  13  1_555 ? ? ? ? ? ? WATSON-CRICK ?     ? ? 
hydrog18 hydrog ? ? A DA  8  N6 ? ? ? 1_555 B DT  3  O4 ? ? A DA  8   B DT  13  1_555 ? ? ? ? ? ? WATSON-CRICK ?     ? ? 
hydrog19 hydrog ? ? A DG  9  N1 ? ? ? 1_555 B DC  2  N3 ? ? A DG  9   B DC  12  1_555 ? ? ? ? ? ? WATSON-CRICK ?     ? ? 
hydrog20 hydrog ? ? A DG  9  N2 ? ? ? 1_555 B DC  2  O2 ? ? A DG  9   B DC  12  1_555 ? ? ? ? ? ? WATSON-CRICK ?     ? ? 
hydrog21 hydrog ? ? A DG  9  O6 ? ? ? 1_555 B DC  2  N4 ? ? A DG  9   B DC  12  1_555 ? ? ? ? ? ? WATSON-CRICK ?     ? ? 
hydrog22 hydrog ? ? A DG  10 N1 ? ? ? 1_555 B DC  1  N3 ? ? A DG  10  B DC  11  1_555 ? ? ? ? ? ? WATSON-CRICK ?     ? ? 
hydrog23 hydrog ? ? A DG  10 N2 ? ? ? 1_555 B DC  1  O2 ? ? A DG  10  B DC  11  1_555 ? ? ? ? ? ? WATSON-CRICK ?     ? ? 
hydrog24 hydrog ? ? A DG  10 O6 ? ? ? 1_555 B DC  1  N4 ? ? A DG  10  B DC  11  1_555 ? ? ? ? ? ? WATSON-CRICK ?     ? ? 
# 
loop_
_struct_conn_type.id 
_struct_conn_type.criteria 
_struct_conn_type.reference 
metalc ? ? 
hydrog ? ? 
# 
loop_
_pdbx_struct_conn_angle.id 
_pdbx_struct_conn_angle.ptnr1_label_atom_id 
_pdbx_struct_conn_angle.ptnr1_label_alt_id 
_pdbx_struct_conn_angle.ptnr1_label_asym_id 
_pdbx_struct_conn_angle.ptnr1_label_comp_id 
_pdbx_struct_conn_angle.ptnr1_label_seq_id 
_pdbx_struct_conn_angle.ptnr1_auth_atom_id 
_pdbx_struct_conn_angle.ptnr1_auth_asym_id 
_pdbx_struct_conn_angle.ptnr1_auth_comp_id 
_pdbx_struct_conn_angle.ptnr1_auth_seq_id 
_pdbx_struct_conn_angle.ptnr1_PDB_ins_code 
_pdbx_struct_conn_angle.ptnr1_symmetry 
_pdbx_struct_conn_angle.ptnr2_label_atom_id 
_pdbx_struct_conn_angle.ptnr2_label_alt_id 
_pdbx_struct_conn_angle.ptnr2_label_asym_id 
_pdbx_struct_conn_angle.ptnr2_label_comp_id 
_pdbx_struct_conn_angle.ptnr2_label_seq_id 
_pdbx_struct_conn_angle.ptnr2_auth_atom_id 
_pdbx_struct_conn_angle.ptnr2_auth_asym_id 
_pdbx_struct_conn_angle.ptnr2_auth_comp_id 
_pdbx_struct_conn_angle.ptnr2_auth_seq_id 
_pdbx_struct_conn_angle.ptnr2_PDB_ins_code 
_pdbx_struct_conn_angle.ptnr2_symmetry 
_pdbx_struct_conn_angle.ptnr3_label_atom_id 
_pdbx_struct_conn_angle.ptnr3_label_alt_id 
_pdbx_struct_conn_angle.ptnr3_label_asym_id 
_pdbx_struct_conn_angle.ptnr3_label_comp_id 
_pdbx_struct_conn_angle.ptnr3_label_seq_id 
_pdbx_struct_conn_angle.ptnr3_auth_atom_id 
_pdbx_struct_conn_angle.ptnr3_auth_asym_id 
_pdbx_struct_conn_angle.ptnr3_auth_comp_id 
_pdbx_struct_conn_angle.ptnr3_auth_seq_id 
_pdbx_struct_conn_angle.ptnr3_PDB_ins_code 
_pdbx_struct_conn_angle.ptnr3_symmetry 
_pdbx_struct_conn_angle.value 
_pdbx_struct_conn_angle.value_esd 
1  O ? G HOH . ? A HOH 140 ? 1_555 MG ? C MG . ? A MG 22 ? 1_555 O ? G HOH . ? A HOH 141 ? 1_555 180.0 ? 
2  O ? G HOH . ? A HOH 140 ? 1_555 MG ? C MG . ? A MG 22 ? 1_555 O ? G HOH . ? A HOH 142 ? 1_555 81.1  ? 
3  O ? G HOH . ? A HOH 141 ? 1_555 MG ? C MG . ? A MG 22 ? 1_555 O ? G HOH . ? A HOH 142 ? 1_555 98.9  ? 
4  O ? G HOH . ? A HOH 140 ? 1_555 MG ? C MG . ? A MG 22 ? 1_555 O ? G HOH . ? A HOH 144 ? 1_555 89.9  ? 
5  O ? G HOH . ? A HOH 141 ? 1_555 MG ? C MG . ? A MG 22 ? 1_555 O ? G HOH . ? A HOH 144 ? 1_555 90.1  ? 
6  O ? G HOH . ? A HOH 142 ? 1_555 MG ? C MG . ? A MG 22 ? 1_555 O ? G HOH . ? A HOH 144 ? 1_555 89.9  ? 
7  O ? G HOH . ? A HOH 140 ? 1_555 MG ? C MG . ? A MG 22 ? 1_555 O ? H HOH . ? B HOH 143 ? 1_555 98.9  ? 
8  O ? G HOH . ? A HOH 141 ? 1_555 MG ? C MG . ? A MG 22 ? 1_555 O ? H HOH . ? B HOH 143 ? 1_555 81.1  ? 
9  O ? G HOH . ? A HOH 142 ? 1_555 MG ? C MG . ? A MG 22 ? 1_555 O ? H HOH . ? B HOH 143 ? 1_555 180.0 ? 
10 O ? G HOH . ? A HOH 144 ? 1_555 MG ? C MG . ? A MG 22 ? 1_555 O ? H HOH . ? B HOH 143 ? 1_555 90.1  ? 
11 O ? G HOH . ? A HOH 140 ? 1_555 MG ? C MG . ? A MG 22 ? 1_555 O ? H HOH . ? B HOH 145 ? 1_555 90.1  ? 
12 O ? G HOH . ? A HOH 141 ? 1_555 MG ? C MG . ? A MG 22 ? 1_555 O ? H HOH . ? B HOH 145 ? 1_555 89.9  ? 
13 O ? G HOH . ? A HOH 142 ? 1_555 MG ? C MG . ? A MG 22 ? 1_555 O ? H HOH . ? B HOH 145 ? 1_555 90.1  ? 
14 O ? G HOH . ? A HOH 144 ? 1_555 MG ? C MG . ? A MG 22 ? 1_555 O ? H HOH . ? B HOH 145 ? 1_555 180.0 ? 
15 O ? H HOH . ? B HOH 143 ? 1_555 MG ? C MG . ? A MG 22 ? 1_555 O ? H HOH . ? B HOH 145 ? 1_555 89.9  ? 
16 O ? G HOH . ? A HOH 148 ? 1_555 MG ? D MG . ? A MG 23 ? 1_555 O ? H HOH . ? B HOH 146 ? 1_555 80.9  ? 
17 O ? G HOH . ? A HOH 148 ? 1_555 MG ? D MG . ? A MG 23 ? 1_555 O ? H HOH . ? B HOH 147 ? 1_555 99.1  ? 
18 O ? H HOH . ? B HOH 146 ? 1_555 MG ? D MG . ? A MG 23 ? 1_555 O ? H HOH . ? B HOH 147 ? 1_555 180.0 ? 
19 O ? G HOH . ? A HOH 148 ? 1_555 MG ? D MG . ? A MG 23 ? 1_555 O ? H HOH . ? B HOH 149 ? 1_555 180.0 ? 
20 O ? H HOH . ? B HOH 146 ? 1_555 MG ? D MG . ? A MG 23 ? 1_555 O ? H HOH . ? B HOH 149 ? 1_555 99.1  ? 
21 O ? H HOH . ? B HOH 147 ? 1_555 MG ? D MG . ? A MG 23 ? 1_555 O ? H HOH . ? B HOH 149 ? 1_555 80.9  ? 
22 O ? G HOH . ? A HOH 148 ? 1_555 MG ? D MG . ? A MG 23 ? 1_555 O ? H HOH . ? B HOH 150 ? 1_555 90.2  ? 
23 O ? H HOH . ? B HOH 146 ? 1_555 MG ? D MG . ? A MG 23 ? 1_555 O ? H HOH . ? B HOH 150 ? 1_555 90.0  ? 
24 O ? H HOH . ? B HOH 147 ? 1_555 MG ? D MG . ? A MG 23 ? 1_555 O ? H HOH . ? B HOH 150 ? 1_555 90.0  ? 
25 O ? H HOH . ? B HOH 149 ? 1_555 MG ? D MG . ? A MG 23 ? 1_555 O ? H HOH . ? B HOH 150 ? 1_555 89.8  ? 
26 O ? G HOH . ? A HOH 148 ? 1_555 MG ? D MG . ? A MG 23 ? 1_555 O ? H HOH . ? B HOH 151 ? 1_555 89.8  ? 
27 O ? H HOH . ? B HOH 146 ? 1_555 MG ? D MG . ? A MG 23 ? 1_555 O ? H HOH . ? B HOH 151 ? 1_555 90.0  ? 
28 O ? H HOH . ? B HOH 147 ? 1_555 MG ? D MG . ? A MG 23 ? 1_555 O ? H HOH . ? B HOH 151 ? 1_555 89.9  ? 
29 O ? H HOH . ? B HOH 149 ? 1_555 MG ? D MG . ? A MG 23 ? 1_555 O ? H HOH . ? B HOH 151 ? 1_555 90.2  ? 
30 O ? H HOH . ? B HOH 150 ? 1_555 MG ? D MG . ? A MG 23 ? 1_555 O ? H HOH . ? B HOH 151 ? 1_555 180.0 ? 
31 O ? G HOH . ? A HOH 135 ? 1_555 MG ? E MG . ? B MG 21 ? 1_555 O ? G HOH . ? A HOH 137 ? 1_555 81.3  ? 
32 O ? G HOH . ? A HOH 135 ? 1_555 MG ? E MG . ? B MG 21 ? 1_555 O ? G HOH . ? A HOH 138 ? 1_555 90.1  ? 
33 O ? G HOH . ? A HOH 137 ? 1_555 MG ? E MG . ? B MG 21 ? 1_555 O ? G HOH . ? A HOH 138 ? 1_555 90.3  ? 
34 O ? G HOH . ? A HOH 135 ? 1_555 MG ? E MG . ? B MG 21 ? 1_555 O ? G HOH . ? A HOH 139 ? 1_555 89.9  ? 
35 O ? G HOH . ? A HOH 137 ? 1_555 MG ? E MG . ? B MG 21 ? 1_555 O ? G HOH . ? A HOH 139 ? 1_555 89.6  ? 
36 O ? G HOH . ? A HOH 138 ? 1_555 MG ? E MG . ? B MG 21 ? 1_555 O ? G HOH . ? A HOH 139 ? 1_555 180.0 ? 
37 O ? G HOH . ? A HOH 135 ? 1_555 MG ? E MG . ? B MG 21 ? 1_555 O ? H HOH . ? B HOH 134 ? 1_555 180.0 ? 
38 O ? G HOH . ? A HOH 137 ? 1_555 MG ? E MG . ? B MG 21 ? 1_555 O ? H HOH . ? B HOH 134 ? 1_555 98.7  ? 
39 O ? G HOH . ? A HOH 138 ? 1_555 MG ? E MG . ? B MG 21 ? 1_555 O ? H HOH . ? B HOH 134 ? 1_555 89.9  ? 
40 O ? G HOH . ? A HOH 139 ? 1_555 MG ? E MG . ? B MG 21 ? 1_555 O ? H HOH . ? B HOH 134 ? 1_555 90.1  ? 
41 O ? G HOH . ? A HOH 135 ? 1_555 MG ? E MG . ? B MG 21 ? 1_555 O ? H HOH . ? B HOH 136 ? 1_555 98.7  ? 
42 O ? G HOH . ? A HOH 137 ? 1_555 MG ? E MG . ? B MG 21 ? 1_555 O ? H HOH . ? B HOH 136 ? 1_555 180.0 ? 
43 O ? G HOH . ? A HOH 138 ? 1_555 MG ? E MG . ? B MG 21 ? 1_555 O ? H HOH . ? B HOH 136 ? 1_555 89.6  ? 
44 O ? G HOH . ? A HOH 139 ? 1_555 MG ? E MG . ? B MG 21 ? 1_555 O ? H HOH . ? B HOH 136 ? 1_555 90.4  ? 
45 O ? H HOH . ? B HOH 134 ? 1_555 MG ? E MG . ? B MG 21 ? 1_555 O ? H HOH . ? B HOH 136 ? 1_555 81.3  ? 
46 O ? H HOH . ? B HOH 152 ? 1_555 MG ? F MG . ? B MG 24 ? 1_555 O ? H HOH . ? B HOH 153 ? 1_555 180.0 ? 
47 O ? H HOH . ? B HOH 152 ? 1_555 MG ? F MG . ? B MG 24 ? 1_555 O ? H HOH . ? B HOH 154 ? 1_555 80.8  ? 
48 O ? H HOH . ? B HOH 153 ? 1_555 MG ? F MG . ? B MG 24 ? 1_555 O ? H HOH . ? B HOH 154 ? 1_555 99.2  ? 
49 O ? H HOH . ? B HOH 152 ? 1_555 MG ? F MG . ? B MG 24 ? 1_555 O ? H HOH . ? B HOH 155 ? 1_555 99.2  ? 
50 O ? H HOH . ? B HOH 153 ? 1_555 MG ? F MG . ? B MG 24 ? 1_555 O ? H HOH . ? B HOH 155 ? 1_555 80.8  ? 
51 O ? H HOH . ? B HOH 154 ? 1_555 MG ? F MG . ? B MG 24 ? 1_555 O ? H HOH . ? B HOH 155 ? 1_555 180.0 ? 
52 O ? H HOH . ? B HOH 152 ? 1_555 MG ? F MG . ? B MG 24 ? 1_555 O ? H HOH . ? B HOH 156 ? 1_555 89.9  ? 
53 O ? H HOH . ? B HOH 153 ? 1_555 MG ? F MG . ? B MG 24 ? 1_555 O ? H HOH . ? B HOH 156 ? 1_555 90.2  ? 
54 O ? H HOH . ? B HOH 154 ? 1_555 MG ? F MG . ? B MG 24 ? 1_555 O ? H HOH . ? B HOH 156 ? 1_555 90.0  ? 
55 O ? H HOH . ? B HOH 155 ? 1_555 MG ? F MG . ? B MG 24 ? 1_555 O ? H HOH . ? B HOH 156 ? 1_555 90.0  ? 
56 O ? H HOH . ? B HOH 152 ? 1_555 MG ? F MG . ? B MG 24 ? 1_555 O ? H HOH . ? B HOH 157 ? 1_555 90.1  ? 
57 O ? H HOH . ? B HOH 153 ? 1_555 MG ? F MG . ? B MG 24 ? 1_555 O ? H HOH . ? B HOH 157 ? 1_555 89.8  ? 
58 O ? H HOH . ? B HOH 154 ? 1_555 MG ? F MG . ? B MG 24 ? 1_555 O ? H HOH . ? B HOH 157 ? 1_555 90.0  ? 
59 O ? H HOH . ? B HOH 155 ? 1_555 MG ? F MG . ? B MG 24 ? 1_555 O ? H HOH . ? B HOH 157 ? 1_555 90.0  ? 
60 O ? H HOH . ? B HOH 156 ? 1_555 MG ? F MG . ? B MG 24 ? 1_555 O ? H HOH . ? B HOH 157 ? 1_555 180.0 ? 
# 
loop_
_struct_site.id 
_struct_site.pdbx_evidence_code 
_struct_site.pdbx_auth_asym_id 
_struct_site.pdbx_auth_comp_id 
_struct_site.pdbx_auth_seq_id 
_struct_site.pdbx_auth_ins_code 
_struct_site.pdbx_num_residues 
_struct_site.details 
AC1 Software B MG 21 ? 6 'BINDING SITE FOR RESIDUE MG B 21' 
AC2 Software A MG 22 ? 6 'BINDING SITE FOR RESIDUE MG A 22' 
AC3 Software A MG 23 ? 6 'BINDING SITE FOR RESIDUE MG A 23' 
AC4 Software B MG 24 ? 6 'BINDING SITE FOR RESIDUE MG B 24' 
# 
loop_
_struct_site_gen.id 
_struct_site_gen.site_id 
_struct_site_gen.pdbx_num_res 
_struct_site_gen.label_comp_id 
_struct_site_gen.label_asym_id 
_struct_site_gen.label_seq_id 
_struct_site_gen.pdbx_auth_ins_code 
_struct_site_gen.auth_comp_id 
_struct_site_gen.auth_asym_id 
_struct_site_gen.auth_seq_id 
_struct_site_gen.label_atom_id 
_struct_site_gen.label_alt_id 
_struct_site_gen.symmetry 
_struct_site_gen.details 
1  AC1 6 HOH G . ? HOH A 135 . ? 1_555 ? 
2  AC1 6 HOH G . ? HOH A 137 . ? 1_555 ? 
3  AC1 6 HOH G . ? HOH A 138 . ? 1_555 ? 
4  AC1 6 HOH G . ? HOH A 139 . ? 1_555 ? 
5  AC1 6 HOH H . ? HOH B 134 . ? 1_555 ? 
6  AC1 6 HOH H . ? HOH B 136 . ? 1_555 ? 
7  AC2 6 HOH G . ? HOH A 140 . ? 1_555 ? 
8  AC2 6 HOH G . ? HOH A 141 . ? 1_555 ? 
9  AC2 6 HOH G . ? HOH A 142 . ? 1_555 ? 
10 AC2 6 HOH G . ? HOH A 144 . ? 1_555 ? 
11 AC2 6 HOH H . ? HOH B 143 . ? 1_555 ? 
12 AC2 6 HOH H . ? HOH B 145 . ? 1_555 ? 
13 AC3 6 HOH G . ? HOH A 148 . ? 1_555 ? 
14 AC3 6 HOH H . ? HOH B 146 . ? 1_555 ? 
15 AC3 6 HOH H . ? HOH B 147 . ? 1_555 ? 
16 AC3 6 HOH H . ? HOH B 149 . ? 1_555 ? 
17 AC3 6 HOH H . ? HOH B 150 . ? 1_555 ? 
18 AC3 6 HOH H . ? HOH B 151 . ? 1_555 ? 
19 AC4 6 HOH H . ? HOH B 152 . ? 1_555 ? 
20 AC4 6 HOH H . ? HOH B 153 . ? 1_555 ? 
21 AC4 6 HOH H . ? HOH B 154 . ? 1_555 ? 
22 AC4 6 HOH H . ? HOH B 155 . ? 1_555 ? 
23 AC4 6 HOH H . ? HOH B 156 . ? 1_555 ? 
24 AC4 6 HOH H . ? HOH B 157 . ? 1_555 ? 
# 
loop_
_pdbx_validate_rmsd_angle.id 
_pdbx_validate_rmsd_angle.PDB_model_num 
_pdbx_validate_rmsd_angle.auth_atom_id_1 
_pdbx_validate_rmsd_angle.auth_asym_id_1 
_pdbx_validate_rmsd_angle.auth_comp_id_1 
_pdbx_validate_rmsd_angle.auth_seq_id_1 
_pdbx_validate_rmsd_angle.PDB_ins_code_1 
_pdbx_validate_rmsd_angle.label_alt_id_1 
_pdbx_validate_rmsd_angle.auth_atom_id_2 
_pdbx_validate_rmsd_angle.auth_asym_id_2 
_pdbx_validate_rmsd_angle.auth_comp_id_2 
_pdbx_validate_rmsd_angle.auth_seq_id_2 
_pdbx_validate_rmsd_angle.PDB_ins_code_2 
_pdbx_validate_rmsd_angle.label_alt_id_2 
_pdbx_validate_rmsd_angle.auth_atom_id_3 
_pdbx_validate_rmsd_angle.auth_asym_id_3 
_pdbx_validate_rmsd_angle.auth_comp_id_3 
_pdbx_validate_rmsd_angle.auth_seq_id_3 
_pdbx_validate_rmsd_angle.PDB_ins_code_3 
_pdbx_validate_rmsd_angle.label_alt_id_3 
_pdbx_validate_rmsd_angle.angle_value 
_pdbx_validate_rmsd_angle.angle_target_value 
_pdbx_validate_rmsd_angle.angle_deviation 
_pdbx_validate_rmsd_angle.angle_standard_deviation 
_pdbx_validate_rmsd_angle.linker_flag 
1  1 "O4'" A DC 1  ? ? "C1'" A DC 1  ? ? N1    A DC 1  ? ? 116.51 108.30 8.21   0.30 N 
2  1 N1    A DT 4  ? ? "C1'" A DT 4  ? ? "C2'" A DT 4  ? ? 123.54 114.30 9.24   1.40 N 
3  1 "O4'" A DT 4  ? ? "C1'" A DT 4  ? ? N1    A DT 4  ? ? 102.35 108.00 -5.65  0.70 N 
4  1 N3    A DT 4  ? ? C2    A DT 4  ? ? O2    A DT 4  ? ? 117.78 122.30 -4.52  0.60 N 
5  1 N1    A DT 5  ? ? "C1'" A DT 5  ? ? "C2'" A DT 5  ? ? 126.26 114.30 11.96  1.40 N 
6  1 "O4'" A DT 5  ? ? "C1'" A DT 5  ? ? N1    A DT 5  ? ? 97.43  108.00 -10.57 0.70 N 
7  1 "O4'" A DA 6  ? ? "C1'" A DA 6  ? ? N9    A DA 6  ? ? 111.10 108.30 2.80   0.30 N 
8  1 "O4'" A DA 7  ? ? "C1'" A DA 7  ? ? N9    A DA 7  ? ? 99.54  108.00 -8.46  0.70 N 
9  1 "O4'" A DG 9  ? ? "C1'" A DG 9  ? ? N9    A DG 9  ? ? 102.55 108.00 -5.45  0.70 N 
10 1 "O4'" A DG 10 ? ? "C1'" A DG 10 ? ? N9    A DG 10 ? ? 100.20 108.00 -7.80  0.70 N 
11 1 "O4'" B DC 11 ? ? "C1'" B DC 11 ? ? N1    B DC 11 ? ? 111.23 108.30 2.93   0.30 N 
12 1 "O4'" B DT 13 ? ? "C1'" B DT 13 ? ? N1    B DT 13 ? ? 102.09 108.00 -5.91  0.70 N 
13 1 N1    B DT 14 ? ? "C1'" B DT 14 ? ? "C2'" B DT 14 ? ? 123.87 114.30 9.57   1.40 N 
14 1 "O4'" B DT 14 ? ? "C1'" B DT 14 ? ? N1    B DT 14 ? ? 98.23  108.00 -9.77  0.70 N 
15 1 "O4'" B DT 15 ? ? "C1'" B DT 15 ? ? N1    B DT 15 ? ? 98.46  108.00 -9.54  0.70 N 
16 1 "O4'" B DA 17 ? ? "C1'" B DA 17 ? ? "C2'" B DA 17 ? ? 110.27 106.80 3.47   0.50 N 
17 1 N1    B DA 17 ? ? C6    B DA 17 ? ? N6    B DA 17 ? ? 122.28 118.60 3.68   0.60 N 
18 1 "O4'" B DA 18 ? ? "C1'" B DA 18 ? ? N9    B DA 18 ? ? 112.56 108.30 4.26   0.30 N 
19 1 "O4'" B DG 19 ? ? "C1'" B DG 19 ? ? N9    B DG 19 ? ? 101.86 108.00 -6.14  0.70 N 
20 1 "O4'" B DG 20 ? ? "C1'" B DG 20 ? ? N9    B DG 20 ? ? 102.54 108.00 -5.46  0.70 N 
# 
loop_
_chem_comp_atom.comp_id 
_chem_comp_atom.atom_id 
_chem_comp_atom.type_symbol 
_chem_comp_atom.pdbx_aromatic_flag 
_chem_comp_atom.pdbx_stereo_config 
_chem_comp_atom.pdbx_ordinal 
DA  OP3    O  N N 1   
DA  P      P  N N 2   
DA  OP1    O  N N 3   
DA  OP2    O  N N 4   
DA  "O5'"  O  N N 5   
DA  "C5'"  C  N N 6   
DA  "C4'"  C  N R 7   
DA  "O4'"  O  N N 8   
DA  "C3'"  C  N S 9   
DA  "O3'"  O  N N 10  
DA  "C2'"  C  N N 11  
DA  "C1'"  C  N R 12  
DA  N9     N  Y N 13  
DA  C8     C  Y N 14  
DA  N7     N  Y N 15  
DA  C5     C  Y N 16  
DA  C6     C  Y N 17  
DA  N6     N  N N 18  
DA  N1     N  Y N 19  
DA  C2     C  Y N 20  
DA  N3     N  Y N 21  
DA  C4     C  Y N 22  
DA  HOP3   H  N N 23  
DA  HOP2   H  N N 24  
DA  "H5'"  H  N N 25  
DA  "H5''" H  N N 26  
DA  "H4'"  H  N N 27  
DA  "H3'"  H  N N 28  
DA  "HO3'" H  N N 29  
DA  "H2'"  H  N N 30  
DA  "H2''" H  N N 31  
DA  "H1'"  H  N N 32  
DA  H8     H  N N 33  
DA  H61    H  N N 34  
DA  H62    H  N N 35  
DA  H2     H  N N 36  
DC  OP3    O  N N 37  
DC  P      P  N N 38  
DC  OP1    O  N N 39  
DC  OP2    O  N N 40  
DC  "O5'"  O  N N 41  
DC  "C5'"  C  N N 42  
DC  "C4'"  C  N R 43  
DC  "O4'"  O  N N 44  
DC  "C3'"  C  N S 45  
DC  "O3'"  O  N N 46  
DC  "C2'"  C  N N 47  
DC  "C1'"  C  N R 48  
DC  N1     N  N N 49  
DC  C2     C  N N 50  
DC  O2     O  N N 51  
DC  N3     N  N N 52  
DC  C4     C  N N 53  
DC  N4     N  N N 54  
DC  C5     C  N N 55  
DC  C6     C  N N 56  
DC  HOP3   H  N N 57  
DC  HOP2   H  N N 58  
DC  "H5'"  H  N N 59  
DC  "H5''" H  N N 60  
DC  "H4'"  H  N N 61  
DC  "H3'"  H  N N 62  
DC  "HO3'" H  N N 63  
DC  "H2'"  H  N N 64  
DC  "H2''" H  N N 65  
DC  "H1'"  H  N N 66  
DC  H41    H  N N 67  
DC  H42    H  N N 68  
DC  H5     H  N N 69  
DC  H6     H  N N 70  
DG  OP3    O  N N 71  
DG  P      P  N N 72  
DG  OP1    O  N N 73  
DG  OP2    O  N N 74  
DG  "O5'"  O  N N 75  
DG  "C5'"  C  N N 76  
DG  "C4'"  C  N R 77  
DG  "O4'"  O  N N 78  
DG  "C3'"  C  N S 79  
DG  "O3'"  O  N N 80  
DG  "C2'"  C  N N 81  
DG  "C1'"  C  N R 82  
DG  N9     N  Y N 83  
DG  C8     C  Y N 84  
DG  N7     N  Y N 85  
DG  C5     C  Y N 86  
DG  C6     C  N N 87  
DG  O6     O  N N 88  
DG  N1     N  N N 89  
DG  C2     C  N N 90  
DG  N2     N  N N 91  
DG  N3     N  N N 92  
DG  C4     C  Y N 93  
DG  HOP3   H  N N 94  
DG  HOP2   H  N N 95  
DG  "H5'"  H  N N 96  
DG  "H5''" H  N N 97  
DG  "H4'"  H  N N 98  
DG  "H3'"  H  N N 99  
DG  "HO3'" H  N N 100 
DG  "H2'"  H  N N 101 
DG  "H2''" H  N N 102 
DG  "H1'"  H  N N 103 
DG  H8     H  N N 104 
DG  H1     H  N N 105 
DG  H21    H  N N 106 
DG  H22    H  N N 107 
DT  OP3    O  N N 108 
DT  P      P  N N 109 
DT  OP1    O  N N 110 
DT  OP2    O  N N 111 
DT  "O5'"  O  N N 112 
DT  "C5'"  C  N N 113 
DT  "C4'"  C  N R 114 
DT  "O4'"  O  N N 115 
DT  "C3'"  C  N S 116 
DT  "O3'"  O  N N 117 
DT  "C2'"  C  N N 118 
DT  "C1'"  C  N R 119 
DT  N1     N  N N 120 
DT  C2     C  N N 121 
DT  O2     O  N N 122 
DT  N3     N  N N 123 
DT  C4     C  N N 124 
DT  O4     O  N N 125 
DT  C5     C  N N 126 
DT  C7     C  N N 127 
DT  C6     C  N N 128 
DT  HOP3   H  N N 129 
DT  HOP2   H  N N 130 
DT  "H5'"  H  N N 131 
DT  "H5''" H  N N 132 
DT  "H4'"  H  N N 133 
DT  "H3'"  H  N N 134 
DT  "HO3'" H  N N 135 
DT  "H2'"  H  N N 136 
DT  "H2''" H  N N 137 
DT  "H1'"  H  N N 138 
DT  H3     H  N N 139 
DT  H71    H  N N 140 
DT  H72    H  N N 141 
DT  H73    H  N N 142 
DT  H6     H  N N 143 
HOH O      O  N N 144 
HOH H1     H  N N 145 
HOH H2     H  N N 146 
MG  MG     MG N N 147 
# 
loop_
_chem_comp_bond.comp_id 
_chem_comp_bond.atom_id_1 
_chem_comp_bond.atom_id_2 
_chem_comp_bond.value_order 
_chem_comp_bond.pdbx_aromatic_flag 
_chem_comp_bond.pdbx_stereo_config 
_chem_comp_bond.pdbx_ordinal 
DA  OP3   P      sing N N 1   
DA  OP3   HOP3   sing N N 2   
DA  P     OP1    doub N N 3   
DA  P     OP2    sing N N 4   
DA  P     "O5'"  sing N N 5   
DA  OP2   HOP2   sing N N 6   
DA  "O5'" "C5'"  sing N N 7   
DA  "C5'" "C4'"  sing N N 8   
DA  "C5'" "H5'"  sing N N 9   
DA  "C5'" "H5''" sing N N 10  
DA  "C4'" "O4'"  sing N N 11  
DA  "C4'" "C3'"  sing N N 12  
DA  "C4'" "H4'"  sing N N 13  
DA  "O4'" "C1'"  sing N N 14  
DA  "C3'" "O3'"  sing N N 15  
DA  "C3'" "C2'"  sing N N 16  
DA  "C3'" "H3'"  sing N N 17  
DA  "O3'" "HO3'" sing N N 18  
DA  "C2'" "C1'"  sing N N 19  
DA  "C2'" "H2'"  sing N N 20  
DA  "C2'" "H2''" sing N N 21  
DA  "C1'" N9     sing N N 22  
DA  "C1'" "H1'"  sing N N 23  
DA  N9    C8     sing Y N 24  
DA  N9    C4     sing Y N 25  
DA  C8    N7     doub Y N 26  
DA  C8    H8     sing N N 27  
DA  N7    C5     sing Y N 28  
DA  C5    C6     sing Y N 29  
DA  C5    C4     doub Y N 30  
DA  C6    N6     sing N N 31  
DA  C6    N1     doub Y N 32  
DA  N6    H61    sing N N 33  
DA  N6    H62    sing N N 34  
DA  N1    C2     sing Y N 35  
DA  C2    N3     doub Y N 36  
DA  C2    H2     sing N N 37  
DA  N3    C4     sing Y N 38  
DC  OP3   P      sing N N 39  
DC  OP3   HOP3   sing N N 40  
DC  P     OP1    doub N N 41  
DC  P     OP2    sing N N 42  
DC  P     "O5'"  sing N N 43  
DC  OP2   HOP2   sing N N 44  
DC  "O5'" "C5'"  sing N N 45  
DC  "C5'" "C4'"  sing N N 46  
DC  "C5'" "H5'"  sing N N 47  
DC  "C5'" "H5''" sing N N 48  
DC  "C4'" "O4'"  sing N N 49  
DC  "C4'" "C3'"  sing N N 50  
DC  "C4'" "H4'"  sing N N 51  
DC  "O4'" "C1'"  sing N N 52  
DC  "C3'" "O3'"  sing N N 53  
DC  "C3'" "C2'"  sing N N 54  
DC  "C3'" "H3'"  sing N N 55  
DC  "O3'" "HO3'" sing N N 56  
DC  "C2'" "C1'"  sing N N 57  
DC  "C2'" "H2'"  sing N N 58  
DC  "C2'" "H2''" sing N N 59  
DC  "C1'" N1     sing N N 60  
DC  "C1'" "H1'"  sing N N 61  
DC  N1    C2     sing N N 62  
DC  N1    C6     sing N N 63  
DC  C2    O2     doub N N 64  
DC  C2    N3     sing N N 65  
DC  N3    C4     doub N N 66  
DC  C4    N4     sing N N 67  
DC  C4    C5     sing N N 68  
DC  N4    H41    sing N N 69  
DC  N4    H42    sing N N 70  
DC  C5    C6     doub N N 71  
DC  C5    H5     sing N N 72  
DC  C6    H6     sing N N 73  
DG  OP3   P      sing N N 74  
DG  OP3   HOP3   sing N N 75  
DG  P     OP1    doub N N 76  
DG  P     OP2    sing N N 77  
DG  P     "O5'"  sing N N 78  
DG  OP2   HOP2   sing N N 79  
DG  "O5'" "C5'"  sing N N 80  
DG  "C5'" "C4'"  sing N N 81  
DG  "C5'" "H5'"  sing N N 82  
DG  "C5'" "H5''" sing N N 83  
DG  "C4'" "O4'"  sing N N 84  
DG  "C4'" "C3'"  sing N N 85  
DG  "C4'" "H4'"  sing N N 86  
DG  "O4'" "C1'"  sing N N 87  
DG  "C3'" "O3'"  sing N N 88  
DG  "C3'" "C2'"  sing N N 89  
DG  "C3'" "H3'"  sing N N 90  
DG  "O3'" "HO3'" sing N N 91  
DG  "C2'" "C1'"  sing N N 92  
DG  "C2'" "H2'"  sing N N 93  
DG  "C2'" "H2''" sing N N 94  
DG  "C1'" N9     sing N N 95  
DG  "C1'" "H1'"  sing N N 96  
DG  N9    C8     sing Y N 97  
DG  N9    C4     sing Y N 98  
DG  C8    N7     doub Y N 99  
DG  C8    H8     sing N N 100 
DG  N7    C5     sing Y N 101 
DG  C5    C6     sing N N 102 
DG  C5    C4     doub Y N 103 
DG  C6    O6     doub N N 104 
DG  C6    N1     sing N N 105 
DG  N1    C2     sing N N 106 
DG  N1    H1     sing N N 107 
DG  C2    N2     sing N N 108 
DG  C2    N3     doub N N 109 
DG  N2    H21    sing N N 110 
DG  N2    H22    sing N N 111 
DG  N3    C4     sing N N 112 
DT  OP3   P      sing N N 113 
DT  OP3   HOP3   sing N N 114 
DT  P     OP1    doub N N 115 
DT  P     OP2    sing N N 116 
DT  P     "O5'"  sing N N 117 
DT  OP2   HOP2   sing N N 118 
DT  "O5'" "C5'"  sing N N 119 
DT  "C5'" "C4'"  sing N N 120 
DT  "C5'" "H5'"  sing N N 121 
DT  "C5'" "H5''" sing N N 122 
DT  "C4'" "O4'"  sing N N 123 
DT  "C4'" "C3'"  sing N N 124 
DT  "C4'" "H4'"  sing N N 125 
DT  "O4'" "C1'"  sing N N 126 
DT  "C3'" "O3'"  sing N N 127 
DT  "C3'" "C2'"  sing N N 128 
DT  "C3'" "H3'"  sing N N 129 
DT  "O3'" "HO3'" sing N N 130 
DT  "C2'" "C1'"  sing N N 131 
DT  "C2'" "H2'"  sing N N 132 
DT  "C2'" "H2''" sing N N 133 
DT  "C1'" N1     sing N N 134 
DT  "C1'" "H1'"  sing N N 135 
DT  N1    C2     sing N N 136 
DT  N1    C6     sing N N 137 
DT  C2    O2     doub N N 138 
DT  C2    N3     sing N N 139 
DT  N3    C4     sing N N 140 
DT  N3    H3     sing N N 141 
DT  C4    O4     doub N N 142 
DT  C4    C5     sing N N 143 
DT  C5    C7     sing N N 144 
DT  C5    C6     doub N N 145 
DT  C7    H71    sing N N 146 
DT  C7    H72    sing N N 147 
DT  C7    H73    sing N N 148 
DT  C6    H6     sing N N 149 
HOH O     H1     sing N N 150 
HOH O     H2     sing N N 151 
# 
_ndb_struct_conf_na.entry_id   1IKK 
_ndb_struct_conf_na.feature    'b-form double helix' 
# 
loop_
_ndb_struct_na_base_pair.model_number 
_ndb_struct_na_base_pair.i_label_asym_id 
_ndb_struct_na_base_pair.i_label_comp_id 
_ndb_struct_na_base_pair.i_label_seq_id 
_ndb_struct_na_base_pair.i_symmetry 
_ndb_struct_na_base_pair.j_label_asym_id 
_ndb_struct_na_base_pair.j_label_comp_id 
_ndb_struct_na_base_pair.j_label_seq_id 
_ndb_struct_na_base_pair.j_symmetry 
_ndb_struct_na_base_pair.shear 
_ndb_struct_na_base_pair.stretch 
_ndb_struct_na_base_pair.stagger 
_ndb_struct_na_base_pair.buckle 
_ndb_struct_na_base_pair.propeller 
_ndb_struct_na_base_pair.opening 
_ndb_struct_na_base_pair.pair_number 
_ndb_struct_na_base_pair.pair_name 
_ndb_struct_na_base_pair.i_auth_asym_id 
_ndb_struct_na_base_pair.i_auth_seq_id 
_ndb_struct_na_base_pair.i_PDB_ins_code 
_ndb_struct_na_base_pair.j_auth_asym_id 
_ndb_struct_na_base_pair.j_auth_seq_id 
_ndb_struct_na_base_pair.j_PDB_ins_code 
_ndb_struct_na_base_pair.hbond_type_28 
_ndb_struct_na_base_pair.hbond_type_12 
1 A DC 1  1_555 B DG 10 1_555 0.019  -0.079 -0.220 18.336  -4.917  -2.929 1  A_DC1:DG20_B  A 1  ? B 20 ? 19 1 
1 A DC 2  1_555 B DG 9  1_555 0.056  -0.053 -0.140 16.041  -19.308 -0.112 2  A_DC2:DG19_B  A 2  ? B 19 ? 19 1 
1 A DT 3  1_555 B DA 8  1_555 -0.245 -0.082 -0.111 4.006   -15.139 -1.232 3  A_DT3:DA18_B  A 3  ? B 18 ? 20 1 
1 A DT 4  1_555 B DA 7  1_555 0.066  -0.101 0.185  8.665   -22.400 3.744  4  A_DT4:DA17_B  A 4  ? B 17 ? 20 1 
1 A DT 5  1_555 B DA 6  1_555 -0.057 -0.207 0.045  -0.691  -16.329 5.704  5  A_DT5:DA16_B  A 5  ? B 16 ? 20 1 
1 A DA 6  1_555 B DT 5  1_555 0.133  -0.153 -0.103 13.388  -13.186 2.391  6  A_DA6:DT15_B  A 6  ? B 15 ? 20 1 
1 A DA 7  1_555 B DT 4  1_555 0.022  -0.044 0.027  10.633  -23.478 0.090  7  A_DA7:DT14_B  A 7  ? B 14 ? 20 1 
1 A DA 8  1_555 B DT 3  1_555 0.088  -0.182 0.176  3.017   -18.536 -2.973 8  A_DA8:DT13_B  A 8  ? B 13 ? 20 1 
1 A DG 9  1_555 B DC 2  1_555 -0.155 -0.033 -0.174 -12.588 -20.122 0.794  9  A_DG9:DC12_B  A 9  ? B 12 ? 19 1 
1 A DG 10 1_555 B DC 1  1_555 -0.171 -0.054 -0.038 -7.163  -1.504  0.075  10 A_DG10:DC11_B A 10 ? B 11 ? 19 1 
# 
loop_
_ndb_struct_na_base_pair_step.model_number 
_ndb_struct_na_base_pair_step.i_label_asym_id_1 
_ndb_struct_na_base_pair_step.i_label_comp_id_1 
_ndb_struct_na_base_pair_step.i_label_seq_id_1 
_ndb_struct_na_base_pair_step.i_symmetry_1 
_ndb_struct_na_base_pair_step.j_label_asym_id_1 
_ndb_struct_na_base_pair_step.j_label_comp_id_1 
_ndb_struct_na_base_pair_step.j_label_seq_id_1 
_ndb_struct_na_base_pair_step.j_symmetry_1 
_ndb_struct_na_base_pair_step.i_label_asym_id_2 
_ndb_struct_na_base_pair_step.i_label_comp_id_2 
_ndb_struct_na_base_pair_step.i_label_seq_id_2 
_ndb_struct_na_base_pair_step.i_symmetry_2 
_ndb_struct_na_base_pair_step.j_label_asym_id_2 
_ndb_struct_na_base_pair_step.j_label_comp_id_2 
_ndb_struct_na_base_pair_step.j_label_seq_id_2 
_ndb_struct_na_base_pair_step.j_symmetry_2 
_ndb_struct_na_base_pair_step.shift 
_ndb_struct_na_base_pair_step.slide 
_ndb_struct_na_base_pair_step.rise 
_ndb_struct_na_base_pair_step.tilt 
_ndb_struct_na_base_pair_step.roll 
_ndb_struct_na_base_pair_step.twist 
_ndb_struct_na_base_pair_step.x_displacement 
_ndb_struct_na_base_pair_step.y_displacement 
_ndb_struct_na_base_pair_step.helical_rise 
_ndb_struct_na_base_pair_step.inclination 
_ndb_struct_na_base_pair_step.tip 
_ndb_struct_na_base_pair_step.helical_twist 
_ndb_struct_na_base_pair_step.step_number 
_ndb_struct_na_base_pair_step.step_name 
_ndb_struct_na_base_pair_step.i_auth_asym_id_1 
_ndb_struct_na_base_pair_step.i_auth_seq_id_1 
_ndb_struct_na_base_pair_step.i_PDB_ins_code_1 
_ndb_struct_na_base_pair_step.j_auth_asym_id_1 
_ndb_struct_na_base_pair_step.j_auth_seq_id_1 
_ndb_struct_na_base_pair_step.j_PDB_ins_code_1 
_ndb_struct_na_base_pair_step.i_auth_asym_id_2 
_ndb_struct_na_base_pair_step.i_auth_seq_id_2 
_ndb_struct_na_base_pair_step.i_PDB_ins_code_2 
_ndb_struct_na_base_pair_step.j_auth_asym_id_2 
_ndb_struct_na_base_pair_step.j_auth_seq_id_2 
_ndb_struct_na_base_pair_step.j_PDB_ins_code_2 
1 A DC 1 1_555 B DG 10 1_555 A DC 2  1_555 B DG 9 1_555 -0.467 0.223  3.369 1.437  -1.037 38.705 0.467  0.884  3.344 -1.564 -2.167 
38.744 1 AA_DC1DC2:DG19DG20_BB  A 1 ? B 20 ? A 2  ? B 19 ? 
1 A DC 2 1_555 B DG 9  1_555 A DT 3  1_555 B DA 8 1_555 0.116  -0.535 3.512 1.281  0.863  36.945 -0.969 0.003  3.501 1.361  -2.020 
36.976 2 AA_DC2DT3:DA18DG19_BB  A 2 ? B 19 ? A 3  ? B 18 ? 
1 A DT 3 1_555 B DA 8  1_555 A DT 4  1_555 B DA 7 1_555 0.208  -0.381 3.138 -6.129 2.108  39.315 -0.791 -0.981 3.049 3.107  9.035  
39.825 3 AA_DT3DT4:DA17DA18_BB  A 3 ? B 18 ? A 4  ? B 17 ? 
1 A DT 4 1_555 B DA 7  1_555 A DT 5  1_555 B DA 6 1_555 0.212  -0.157 3.321 1.885  -1.872 35.948 0.017  -0.071 3.331 -3.028 -3.050 
36.043 4 AA_DT4DT5:DA16DA17_BB  A 4 ? B 17 ? A 5  ? B 16 ? 
1 A DT 5 1_555 B DA 6  1_555 A DA 6  1_555 B DT 5 1_555 -0.282 1.008  2.979 0.879  6.672  28.021 0.617  0.754  3.120 13.532 -1.783 
28.802 5 AA_DT5DA6:DT15DA16_BB  A 5 ? B 16 ? A 6  ? B 15 ? 
1 A DA 6 1_555 B DT 5  1_555 A DA 7  1_555 B DT 4 1_555 -0.598 1.018  3.280 -0.870 -4.672 42.930 1.836  0.728  3.168 -6.360 1.184  
43.179 6 AA_DA6DA7:DT14DT15_BB  A 6 ? B 15 ? A 7  ? B 14 ? 
1 A DA 7 1_555 B DT 4  1_555 A DA 8  1_555 B DT 3 1_555 0.408  -0.084 3.290 -0.316 -1.635 37.809 0.081  -0.670 3.287 -2.522 0.487  
37.845 7 AA_DA7DA8:DT13DT14_BB  A 7 ? B 14 ? A 8  ? B 13 ? 
1 A DA 8 1_555 B DT 3  1_555 A DG 9  1_555 B DC 2 1_555 0.390  -0.467 3.611 1.835  4.466  37.501 -1.352 -0.343 3.549 6.912  -2.840 
37.799 8 AA_DA8DG9:DC12DT13_BB  A 8 ? B 13 ? A 9  ? B 12 ? 
1 A DG 9 1_555 B DC 2  1_555 A DG 10 1_555 B DC 1 1_555 0.680  0.185  3.148 -0.951 -2.135 38.122 0.540  -1.154 3.116 -3.265 1.455  
38.191 9 AA_DG9DG10:DC11DC12_BB A 9 ? B 12 ? A 10 ? B 11 ? 
# 
_pdbx_initial_refinement_model.accession_code   1D56 
_pdbx_initial_refinement_model.id               1 
_pdbx_initial_refinement_model.entity_id_list   ? 
_pdbx_initial_refinement_model.type             'experimental model' 
_pdbx_initial_refinement_model.source_name      PDB 
_pdbx_initial_refinement_model.details          'NDB entry bdj036' 
# 
_atom_sites.entry_id                    1IKK 
_atom_sites.fract_transf_matrix[1][1]   0.00854170 
_atom_sites.fract_transf_matrix[1][2]   -0.00625053 
_atom_sites.fract_transf_matrix[1][3]   -0.02605520 
_atom_sites.fract_transf_matrix[2][1]   0.00843358 
_atom_sites.fract_transf_matrix[2][2]   -0.02295375 
_atom_sites.fract_transf_matrix[2][3]   0.00827129 
_atom_sites.fract_transf_matrix[3][1]   -0.02753194 
_atom_sites.fract_transf_matrix[3][2]   -0.01230443 
_atom_sites.fract_transf_matrix[3][3]   -0.00607404 
_atom_sites.fract_transf_vector[1]      0.509184 
_atom_sites.fract_transf_vector[2]      0.066167 
_atom_sites.fract_transf_vector[3]      0.418991 
# 
loop_
_atom_type.symbol 
C  
MG 
N  
O  
P  
# 
loop_
_atom_site.group_PDB 
_atom_site.id 
_atom_site.type_symbol 
_atom_site.label_atom_id 
_atom_site.label_alt_id 
_atom_site.label_comp_id 
_atom_site.label_asym_id 
_atom_site.label_entity_id 
_atom_site.label_seq_id 
_atom_site.pdbx_PDB_ins_code 
_atom_site.Cartn_x 
_atom_site.Cartn_y 
_atom_site.Cartn_z 
_atom_site.occupancy 
_atom_site.B_iso_or_equiv 
_atom_site.pdbx_formal_charge 
_atom_site.auth_seq_id 
_atom_site.auth_comp_id 
_atom_site.auth_asym_id 
_atom_site.auth_atom_id 
_atom_site.pdbx_PDB_model_num 
ATOM   1   O  "O5'" . DC  A 1 1  ? 17.683  1.401   -2.808  1.00 11.98 ? 1   DC  A "O5'" 1 
ATOM   2   C  "C5'" . DC  A 1 1  ? 18.202  0.782   -1.630  1.00 13.77 ? 1   DC  A "C5'" 1 
ATOM   3   C  "C4'" . DC  A 1 1  ? 17.070  0.621   -0.631  1.00 11.78 ? 1   DC  A "C4'" 1 
ATOM   4   O  "O4'" . DC  A 1 1  ? 16.706  1.935   -0.117  1.00 13.53 ? 1   DC  A "O4'" 1 
ATOM   5   C  "C3'" . DC  A 1 1  ? 15.775  0.086   -1.275  1.00 12.13 ? 1   DC  A "C3'" 1 
ATOM   6   O  "O3'" . DC  A 1 1  ? 15.134  -0.795  -0.340  1.00 12.51 ? 1   DC  A "O3'" 1 
ATOM   7   C  "C2'" . DC  A 1 1  ? 14.912  1.337   -1.406  1.00 12.51 ? 1   DC  A "C2'" 1 
ATOM   8   C  "C1'" . DC  A 1 1  ? 15.319  2.030   -0.082  1.00 12.08 ? 1   DC  A "C1'" 1 
ATOM   9   N  N1    . DC  A 1 1  ? 14.761  3.373   0.021   1.00 8.49  ? 1   DC  A N1    1 
ATOM   10  C  C2    . DC  A 1 1  ? 14.435  3.823   1.311   1.00 8.98  ? 1   DC  A C2    1 
ATOM   11  O  O2    . DC  A 1 1  ? 14.649  3.039   2.258   1.00 7.88  ? 1   DC  A O2    1 
ATOM   12  N  N3    . DC  A 1 1  ? 13.916  5.056   1.462   1.00 8.63  ? 1   DC  A N3    1 
ATOM   13  C  C4    . DC  A 1 1  ? 13.724  5.821   0.388   1.00 9.20  ? 1   DC  A C4    1 
ATOM   14  N  N4    . DC  A 1 1  ? 13.205  7.031   0.611   1.00 11.21 ? 1   DC  A N4    1 
ATOM   15  C  C5    . DC  A 1 1  ? 14.042  5.396   -0.926  1.00 8.00  ? 1   DC  A C5    1 
ATOM   16  C  C6    . DC  A 1 1  ? 14.557  4.168   -1.067  1.00 6.76  ? 1   DC  A C6    1 
ATOM   17  P  P     . DC  A 1 2  ? 14.605  -2.237  -0.782  1.00 12.73 ? 2   DC  A P     1 
ATOM   18  O  OP1   . DC  A 1 2  ? 15.802  -3.064  -1.079  1.00 22.40 ? 2   DC  A OP1   1 
ATOM   19  O  OP2   . DC  A 1 2  ? 13.545  -2.059  -1.772  1.00 15.88 ? 2   DC  A OP2   1 
ATOM   20  O  "O5'" . DC  A 1 2  ? 13.989  -2.763  0.589   1.00 12.21 ? 2   DC  A "O5'" 1 
ATOM   21  C  "C5'" . DC  A 1 2  ? 14.856  -2.916  1.719   1.00 12.14 ? 2   DC  A "C5'" 1 
ATOM   22  C  "C4'" . DC  A 1 2  ? 14.076  -2.598  2.971   1.00 11.52 ? 2   DC  A "C4'" 1 
ATOM   23  O  "O4'" . DC  A 1 2  ? 13.752  -1.182  2.929   1.00 11.84 ? 2   DC  A "O4'" 1 
ATOM   24  C  "C3'" . DC  A 1 2  ? 12.734  -3.334  3.079   1.00 8.97  ? 2   DC  A "C3'" 1 
ATOM   25  O  "O3'" . DC  A 1 2  ? 12.500  -3.692  4.446   1.00 8.37  ? 2   DC  A "O3'" 1 
ATOM   26  C  "C2'" . DC  A 1 2  ? 11.730  -2.304  2.604   1.00 9.14  ? 2   DC  A "C2'" 1 
ATOM   27  C  "C1'" . DC  A 1 2  ? 12.345  -1.002  3.117   1.00 10.64 ? 2   DC  A "C1'" 1 
ATOM   28  N  N1    . DC  A 1 2  ? 11.943  0.161   2.306   1.00 8.92  ? 2   DC  A N1    1 
ATOM   29  C  C2    . DC  A 1 2  ? 11.502  1.317   2.951   1.00 6.86  ? 2   DC  A C2    1 
ATOM   30  O  O2    . DC  A 1 2  ? 11.471  1.309   4.192   1.00 7.02  ? 2   DC  A O2    1 
ATOM   31  N  N3    . DC  A 1 2  ? 11.130  2.390   2.197   1.00 5.72  ? 2   DC  A N3    1 
ATOM   32  C  C4    . DC  A 1 2  ? 11.194  2.315   0.872   1.00 6.97  ? 2   DC  A C4    1 
ATOM   33  N  N4    . DC  A 1 2  ? 10.820  3.392   0.147   1.00 9.22  ? 2   DC  A N4    1 
ATOM   34  C  C5    . DC  A 1 2  ? 11.638  1.151   0.178   1.00 8.01  ? 2   DC  A C5    1 
ATOM   35  C  C6    . DC  A 1 2  ? 12.003  0.095   0.934   1.00 9.55  ? 2   DC  A C6    1 
ATOM   36  P  P     . DT  A 1 3  ? 11.252  -4.522  4.938   1.00 8.88  ? 3   DT  A P     1 
ATOM   37  O  OP1   . DT  A 1 3  ? 11.666  -5.368  6.090   1.00 11.47 ? 3   DT  A OP1   1 
ATOM   38  O  OP2   . DT  A 1 3  ? 10.556  -5.157  3.787   1.00 10.29 ? 3   DT  A OP2   1 
ATOM   39  O  "O5'" . DT  A 1 3  ? 10.255  -3.390  5.480   1.00 9.19  ? 3   DT  A "O5'" 1 
ATOM   40  C  "C5'" . DT  A 1 3  ? 10.609  -2.657  6.669   1.00 8.11  ? 3   DT  A "C5'" 1 
ATOM   41  C  "C4'" . DT  A 1 3  ? 9.483   -1.726  7.029   1.00 7.41  ? 3   DT  A "C4'" 1 
ATOM   42  O  "O4'" . DT  A 1 3  ? 9.279   -0.693  6.050   1.00 7.11  ? 3   DT  A "O4'" 1 
ATOM   43  C  "C3'" . DT  A 1 3  ? 8.124   -2.397  7.208   1.00 6.95  ? 3   DT  A "C3'" 1 
ATOM   44  O  "O3'" . DT  A 1 3  ? 7.580   -1.925  8.446   1.00 6.86  ? 3   DT  A "O3'" 1 
ATOM   45  C  "C2'" . DT  A 1 3  ? 7.326   -1.961  5.989   1.00 5.52  ? 3   DT  A "C2'" 1 
ATOM   46  C  "C1'" . DT  A 1 3  ? 7.905   -0.619  5.657   1.00 7.00  ? 3   DT  A "C1'" 1 
ATOM   47  N  N1    . DT  A 1 3  ? 7.930   -0.135  4.267   1.00 6.28  ? 3   DT  A N1    1 
ATOM   48  C  C2    . DT  A 1 3  ? 7.514   1.167   4.049   1.00 7.40  ? 3   DT  A C2    1 
ATOM   49  O  O2    . DT  A 1 3  ? 7.131   1.924   4.938   1.00 8.33  ? 3   DT  A O2    1 
ATOM   50  N  N3    . DT  A 1 3  ? 7.550   1.586   2.745   1.00 6.52  ? 3   DT  A N3    1 
ATOM   51  C  C4    . DT  A 1 3  ? 7.957   0.837   1.663   1.00 6.65  ? 3   DT  A C4    1 
ATOM   52  O  O4    . DT  A 1 3  ? 7.955   1.292   0.540   1.00 10.54 ? 3   DT  A O4    1 
ATOM   53  C  C5    . DT  A 1 3  ? 8.382   -0.520  1.952   1.00 7.01  ? 3   DT  A C5    1 
ATOM   54  C  C7    . DT  A 1 3  ? 8.833   -1.367  0.795   1.00 7.99  ? 3   DT  A C7    1 
ATOM   55  C  C6    . DT  A 1 3  ? 8.350   -0.936  3.226   1.00 7.03  ? 3   DT  A C6    1 
ATOM   56  P  P     . DT  A 1 4  ? 6.109   -2.354  8.871   1.00 8.85  ? 4   DT  A P     1 
ATOM   57  O  OP1   . DT  A 1 4  ? 6.079   -2.342  10.366  1.00 9.49  ? 4   DT  A OP1   1 
ATOM   58  O  OP2   . DT  A 1 4  ? 5.614   -3.488  8.084   1.00 7.28  ? 4   DT  A OP2   1 
ATOM   59  O  "O5'" . DT  A 1 4  ? 5.223   -1.106  8.421   1.00 6.70  ? 4   DT  A "O5'" 1 
ATOM   60  C  "C5'" . DT  A 1 4  ? 5.569   0.200   8.903   1.00 6.48  ? 4   DT  A "C5'" 1 
ATOM   61  C  "C4'" . DT  A 1 4  ? 4.567   1.212   8.404   1.00 7.98  ? 4   DT  A "C4'" 1 
ATOM   62  O  "O4'" . DT  A 1 4  ? 4.721   1.399   6.993   1.00 9.40  ? 4   DT  A "O4'" 1 
ATOM   63  C  "C3'" . DT  A 1 4  ? 3.086   0.880   8.602   1.00 9.62  ? 4   DT  A "C3'" 1 
ATOM   64  O  "O3'" . DT  A 1 4  ? 2.469   2.019   9.211   1.00 11.07 ? 4   DT  A "O3'" 1 
ATOM   65  C  "C2'" . DT  A 1 4  ? 2.557   0.589   7.220   1.00 9.23  ? 4   DT  A "C2'" 1 
ATOM   66  C  "C1'" . DT  A 1 4  ? 3.455   1.397   6.313   1.00 8.97  ? 4   DT  A "C1'" 1 
ATOM   67  N  N1    . DT  A 1 4  ? 3.824   0.981   4.965   1.00 6.39  ? 4   DT  A N1    1 
ATOM   68  C  C2    . DT  A 1 4  ? 3.739   1.848   3.895   1.00 7.10  ? 4   DT  A C2    1 
ATOM   69  O  O2    . DT  A 1 4  ? 3.363   3.005   3.957   1.00 9.00  ? 4   DT  A O2    1 
ATOM   70  N  N3    . DT  A 1 4  ? 4.113   1.356   2.652   1.00 8.70  ? 4   DT  A N3    1 
ATOM   71  C  C4    . DT  A 1 4  ? 4.559   0.078   2.406   1.00 10.01 ? 4   DT  A C4    1 
ATOM   72  O  O4    . DT  A 1 4  ? 4.870   -0.276  1.278   1.00 10.23 ? 4   DT  A O4    1 
ATOM   73  C  C5    . DT  A 1 4  ? 4.629   -0.792  3.565   1.00 8.98  ? 4   DT  A C5    1 
ATOM   74  C  C7    . DT  A 1 4  ? 5.111   -2.195  3.344   1.00 7.28  ? 4   DT  A C7    1 
ATOM   75  C  C6    . DT  A 1 4  ? 4.269   -0.313  4.750   1.00 7.18  ? 4   DT  A C6    1 
ATOM   76  P  P     . DT  A 1 5  ? 0.937   2.011   9.663   1.00 11.01 ? 5   DT  A P     1 
ATOM   77  O  OP1   . DT  A 1 5  ? 0.766   2.963   10.777  1.00 18.67 ? 5   DT  A OP1   1 
ATOM   78  O  OP2   . DT  A 1 5  ? 0.440   0.644   9.763   1.00 11.74 ? 5   DT  A OP2   1 
ATOM   79  O  "O5'" . DT  A 1 5  ? 0.216   2.704   8.392   1.00 8.10  ? 5   DT  A "O5'" 1 
ATOM   80  C  "C5'" . DT  A 1 5  ? 0.612   3.990   7.911   1.00 6.48  ? 5   DT  A "C5'" 1 
ATOM   81  C  "C4'" . DT  A 1 5  ? -0.027  4.247   6.564   1.00 9.23  ? 5   DT  A "C4'" 1 
ATOM   82  O  "O4'" . DT  A 1 5  ? 0.458   3.317   5.567   1.00 9.39  ? 5   DT  A "O4'" 1 
ATOM   83  C  "C3'" . DT  A 1 5  ? -1.549  4.055   6.551   1.00 9.59  ? 5   DT  A "C3'" 1 
ATOM   84  O  "O3'" . DT  A 1 5  ? -2.126  5.352   6.443   1.00 10.79 ? 5   DT  A "O3'" 1 
ATOM   85  C  "C2'" . DT  A 1 5  ? -1.856  3.193   5.348   1.00 8.20  ? 5   DT  A "C2'" 1 
ATOM   86  C  "C1'" . DT  A 1 5  ? -0.589  3.204   4.560   1.00 9.35  ? 5   DT  A "C1'" 1 
ATOM   87  N  N1    . DT  A 1 5  ? -0.018  2.071   3.818   1.00 10.19 ? 5   DT  A N1    1 
ATOM   88  C  C2    . DT  A 1 5  ? 0.270   2.218   2.477   1.00 9.01  ? 5   DT  A C2    1 
ATOM   89  O  O2    . DT  A 1 5  ? 0.076   3.248   1.854   1.00 6.19  ? 5   DT  A O2    1 
ATOM   90  N  N3    . DT  A 1 5  ? 0.801   1.121   1.842   1.00 9.65  ? 5   DT  A N3    1 
ATOM   91  C  C4    . DT  A 1 5  ? 1.063   -0.089  2.434   1.00 11.44 ? 5   DT  A C4    1 
ATOM   92  O  O4    . DT  A 1 5  ? 1.539   -1.026  1.805   1.00 8.94  ? 5   DT  A O4    1 
ATOM   93  C  C5    . DT  A 1 5  ? 0.740   -0.182  3.842   1.00 10.96 ? 5   DT  A C5    1 
ATOM   94  C  C7    . DT  A 1 5  ? 1.022   -1.501  4.505   1.00 10.68 ? 5   DT  A C7    1 
ATOM   95  C  C6    . DT  A 1 5  ? 0.223   0.873   4.475   1.00 9.72  ? 5   DT  A C6    1 
ATOM   96  P  P     . DA  A 1 6  ? -3.612  5.685   6.933   1.00 10.92 ? 6   DA  A P     1 
ATOM   97  O  OP1   . DA  A 1 6  ? -3.680  7.125   7.269   1.00 8.05  ? 6   DA  A OP1   1 
ATOM   98  O  OP2   . DA  A 1 6  ? -4.066  4.697   7.946   1.00 11.03 ? 6   DA  A OP2   1 
ATOM   99  O  "O5'" . DA  A 1 6  ? -4.467  5.399   5.623   1.00 10.96 ? 6   DA  A "O5'" 1 
ATOM   100 C  "C5'" . DA  A 1 6  ? -4.446  6.294   4.508   1.00 10.00 ? 6   DA  A "C5'" 1 
ATOM   101 C  "C4'" . DA  A 1 6  ? -5.063  5.580   3.320   1.00 9.09  ? 6   DA  A "C4'" 1 
ATOM   102 O  "O4'" . DA  A 1 6  ? -4.180  4.481   2.988   1.00 8.20  ? 6   DA  A "O4'" 1 
ATOM   103 C  "C3'" . DA  A 1 6  ? -6.431  4.941   3.604   1.00 9.98  ? 6   DA  A "C3'" 1 
ATOM   104 O  "O3'" . DA  A 1 6  ? -7.234  5.113   2.419   1.00 9.76  ? 6   DA  A "O3'" 1 
ATOM   105 C  "C2'" . DA  A 1 6  ? -6.102  3.455   3.740   1.00 11.76 ? 6   DA  A "C2'" 1 
ATOM   106 C  "C1'" . DA  A 1 6  ? -4.990  3.368   2.710   1.00 9.16  ? 6   DA  A "C1'" 1 
ATOM   107 N  N9    . DA  A 1 6  ? -4.208  2.159   2.648   1.00 9.25  ? 6   DA  A N9    1 
ATOM   108 C  C8    . DA  A 1 6  ? -4.069  1.210   3.639   1.00 9.55  ? 6   DA  A C8    1 
ATOM   109 N  N7    . DA  A 1 6  ? -3.295  0.210   3.309   1.00 7.73  ? 6   DA  A N7    1 
ATOM   110 C  C5    . DA  A 1 6  ? -2.900  0.528   2.015   1.00 6.56  ? 6   DA  A C5    1 
ATOM   111 C  C6    . DA  A 1 6  ? -2.061  -0.153  1.111   1.00 6.81  ? 6   DA  A C6    1 
ATOM   112 N  N6    . DA  A 1 6  ? -1.483  -1.308  1.424   1.00 8.91  ? 6   DA  A N6    1 
ATOM   113 N  N1    . DA  A 1 6  ? -1.853  0.405   -0.102  1.00 7.18  ? 6   DA  A N1    1 
ATOM   114 C  C2    . DA  A 1 6  ? -2.448  1.572   -0.393  1.00 6.50  ? 6   DA  A C2    1 
ATOM   115 N  N3    . DA  A 1 6  ? -3.252  2.295   0.378   1.00 9.06  ? 6   DA  A N3    1 
ATOM   116 C  C4    . DA  A 1 6  ? -3.447  1.718   1.588   1.00 7.88  ? 6   DA  A C4    1 
ATOM   117 P  P     . DA  A 1 7  ? -8.518  6.070   2.477   1.00 10.12 ? 7   DA  A P     1 
ATOM   118 O  OP1   . DA  A 1 7  ? -8.175  7.275   3.279   1.00 11.39 ? 7   DA  A OP1   1 
ATOM   119 O  OP2   . DA  A 1 7  ? -9.676  5.212   2.905   1.00 13.97 ? 7   DA  A OP2   1 
ATOM   120 O  "O5'" . DA  A 1 7  ? -8.748  6.440   0.954   1.00 10.81 ? 7   DA  A "O5'" 1 
ATOM   121 C  "C5'" . DA  A 1 7  ? -7.749  7.125   0.188   1.00 9.75  ? 7   DA  A "C5'" 1 
ATOM   122 C  "C4'" . DA  A 1 7  ? -7.613  6.444   -1.157  1.00 7.91  ? 7   DA  A "C4'" 1 
ATOM   123 O  "O4'" . DA  A 1 7  ? -6.954  5.172   -0.954  1.00 7.23  ? 7   DA  A "O4'" 1 
ATOM   124 C  "C3'" . DA  A 1 7  ? -8.913  6.123   -1.885  1.00 7.62  ? 7   DA  A "C3'" 1 
ATOM   125 O  "O3'" . DA  A 1 7  ? -8.831  6.610   -3.231  1.00 8.17  ? 7   DA  A "O3'" 1 
ATOM   126 C  "C2'" . DA  A 1 7  ? -9.006  4.614   -1.844  1.00 7.15  ? 7   DA  A "C2'" 1 
ATOM   127 C  "C1'" . DA  A 1 7  ? -7.553  4.180   -1.797  1.00 8.55  ? 7   DA  A "C1'" 1 
ATOM   128 N  N9    . DA  A 1 7  ? -7.294  2.982   -0.985  1.00 9.17  ? 7   DA  A N9    1 
ATOM   129 C  C8    . DA  A 1 7  ? -7.875  2.702   0.219   1.00 7.83  ? 7   DA  A C8    1 
ATOM   130 N  N7    . DA  A 1 7  ? -7.465  1.561   0.733   1.00 8.82  ? 7   DA  A N7    1 
ATOM   131 C  C5    . DA  A 1 7  ? -6.563  1.083   -0.203  1.00 9.41  ? 7   DA  A C5    1 
ATOM   132 C  C6    . DA  A 1 7  ? -5.791  -0.095  -0.219  1.00 8.01  ? 7   DA  A C6    1 
ATOM   133 N  N6    . DA  A 1 7  ? -5.844  -0.987  0.773   1.00 7.32  ? 7   DA  A N6    1 
ATOM   134 N  N1    . DA  A 1 7  ? -4.982  -0.312  -1.277  1.00 7.65  ? 7   DA  A N1    1 
ATOM   135 C  C2    . DA  A 1 7  ? -4.970  0.624   -2.249  1.00 9.07  ? 7   DA  A C2    1 
ATOM   136 N  N3    . DA  A 1 7  ? -5.659  1.771   -2.332  1.00 7.94  ? 7   DA  A N3    1 
ATOM   137 C  C4    . DA  A 1 7  ? -6.441  1.946   -1.275  1.00 7.49  ? 7   DA  A C4    1 
ATOM   138 P  P     . DA  A 1 8  ? -10.026 6.440   -4.275  1.00 9.87  ? 8   DA  A P     1 
ATOM   139 O  OP1   . DA  A 1 8  ? -9.999  7.613   -5.184  1.00 10.60 ? 8   DA  A OP1   1 
ATOM   140 O  OP2   . DA  A 1 8  ? -11.249 6.067   -3.529  1.00 11.15 ? 8   DA  A OP2   1 
ATOM   141 O  "O5'" . DA  A 1 8  ? -9.584  5.140   -5.103  1.00 10.55 ? 8   DA  A "O5'" 1 
ATOM   142 C  "C5'" . DA  A 1 8  ? -8.316  5.059   -5.755  1.00 10.61 ? 8   DA  A "C5'" 1 
ATOM   143 C  "C4'" . DA  A 1 8  ? -8.081  3.616   -6.156  1.00 10.93 ? 8   DA  A "C4'" 1 
ATOM   144 O  "O4'" . DA  A 1 8  ? -7.920  2.779   -4.974  1.00 10.44 ? 8   DA  A "O4'" 1 
ATOM   145 C  "C3'" . DA  A 1 8  ? -9.238  3.002   -6.957  1.00 12.48 ? 8   DA  A "C3'" 1 
ATOM   146 O  "O3'" . DA  A 1 8  ? -8.742  2.658   -8.250  1.00 15.28 ? 8   DA  A "O3'" 1 
ATOM   147 C  "C2'" . DA  A 1 8  ? -9.710  1.838   -6.125  1.00 11.10 ? 8   DA  A "C2'" 1 
ATOM   148 C  "C1'" . DA  A 1 8  ? -8.481  1.497   -5.291  1.00 11.06 ? 8   DA  A "C1'" 1 
ATOM   149 N  N9    . DA  A 1 8  ? -8.774  0.879   -4.001  1.00 9.54  ? 8   DA  A N9    1 
ATOM   150 C  C8    . DA  A 1 8  ? -9.656  1.354   -3.051  1.00 6.51  ? 8   DA  A C8    1 
ATOM   151 N  N7    . DA  A 1 8  ? -9.714  0.593   -1.990  1.00 8.12  ? 8   DA  A N7    1 
ATOM   152 C  C5    . DA  A 1 8  ? -8.822  -0.431  -2.262  1.00 6.98  ? 8   DA  A C5    1 
ATOM   153 C  C6    . DA  A 1 8  ? -8.449  -1.552  -1.503  1.00 8.25  ? 8   DA  A C6    1 
ATOM   154 N  N6    . DA  A 1 8  ? -8.987  -1.757  -0.301  1.00 10.58 ? 8   DA  A N6    1 
ATOM   155 N  N1    . DA  A 1 8  ? -7.537  -2.396  -2.037  1.00 9.60  ? 8   DA  A N1    1 
ATOM   156 C  C2    . DA  A 1 8  ? -7.054  -2.107  -3.250  1.00 7.99  ? 8   DA  A C2    1 
ATOM   157 N  N3    . DA  A 1 8  ? -7.325  -1.085  -4.065  1.00 8.05  ? 8   DA  A N3    1 
ATOM   158 C  C4    . DA  A 1 8  ? -8.233  -0.274  -3.495  1.00 8.59  ? 8   DA  A C4    1 
ATOM   159 P  P     . DG  A 1 9  ? -9.607  1.829   -9.321  1.00 17.22 ? 9   DG  A P     1 
ATOM   160 O  OP1   . DG  A 1 9  ? -9.016  2.128   -10.653 1.00 23.41 ? 9   DG  A OP1   1 
ATOM   161 O  OP2   . DG  A 1 9  ? -11.038 1.966   -9.063  1.00 20.06 ? 9   DG  A OP2   1 
ATOM   162 O  "O5'" . DG  A 1 9  ? -9.166  0.345   -8.923  1.00 13.46 ? 9   DG  A "O5'" 1 
ATOM   163 C  "C5'" . DG  A 1 9  ? -7.813  -0.087  -8.943  1.00 10.24 ? 9   DG  A "C5'" 1 
ATOM   164 C  "C4'" . DG  A 1 9  ? -7.758  -1.562  -8.603  1.00 8.04  ? 9   DG  A "C4'" 1 
ATOM   165 O  "O4'" . DG  A 1 9  ? -8.119  -1.799  -7.224  1.00 7.96  ? 9   DG  A "O4'" 1 
ATOM   166 C  "C3'" . DG  A 1 9  ? -8.655  -2.488  -9.448  1.00 8.63  ? 9   DG  A "C3'" 1 
ATOM   167 O  "O3'" . DG  A 1 9  ? -7.820  -3.587  -9.826  1.00 9.70  ? 9   DG  A "O3'" 1 
ATOM   168 C  "C2'" . DG  A 1 9  ? -9.714  -2.936  -8.465  1.00 8.83  ? 9   DG  A "C2'" 1 
ATOM   169 C  "C1'" . DG  A 1 9  ? -8.942  -2.972  -7.157  1.00 8.32  ? 9   DG  A "C1'" 1 
ATOM   170 N  N9    . DG  A 1 9  ? -9.719  -2.746  -5.940  1.00 8.45  ? 9   DG  A N9    1 
ATOM   171 C  C8    . DG  A 1 9  ? -10.562 -1.671  -5.740  1.00 8.34  ? 9   DG  A C8    1 
ATOM   172 N  N7    . DG  A 1 9  ? -11.138 -1.710  -4.559  1.00 8.75  ? 9   DG  A N7    1 
ATOM   173 C  C5    . DG  A 1 9  ? -10.634 -2.874  -3.975  1.00 8.50  ? 9   DG  A C5    1 
ATOM   174 C  C6    . DG  A 1 9  ? -10.884 -3.449  -2.710  1.00 7.50  ? 9   DG  A C6    1 
ATOM   175 O  O6    . DG  A 1 9  ? -11.629 -3.031  -1.815  1.00 9.65  ? 9   DG  A O6    1 
ATOM   176 N  N1    . DG  A 1 9  ? -10.177 -4.629  -2.500  1.00 8.56  ? 9   DG  A N1    1 
ATOM   177 C  C2    . DG  A 1 9  ? -9.326  -5.186  -3.416  1.00 8.16  ? 9   DG  A C2    1 
ATOM   178 N  N2    . DG  A 1 9  ? -8.732  -6.335  -3.028  1.00 7.37  ? 9   DG  A N2    1 
ATOM   179 N  N3    . DG  A 1 9  ? -9.075  -4.669  -4.606  1.00 7.54  ? 9   DG  A N3    1 
ATOM   180 C  C4    . DG  A 1 9  ? -9.755  -3.524  -4.820  1.00 8.01  ? 9   DG  A C4    1 
ATOM   181 P  P     . DG  A 1 10 ? -8.247  -4.701  -10.898 1.00 10.16 ? 10  DG  A P     1 
ATOM   182 O  OP1   . DG  A 1 10 ? -7.012  -5.169  -11.550 1.00 8.71  ? 10  DG  A OP1   1 
ATOM   183 O  OP2   . DG  A 1 10 ? -9.415  -4.179  -11.685 1.00 7.51  ? 10  DG  A OP2   1 
ATOM   184 O  "O5'" . DG  A 1 10 ? -8.846  -5.844  -9.948  1.00 8.27  ? 10  DG  A "O5'" 1 
ATOM   185 C  "C5'" . DG  A 1 10 ? -7.918  -6.426  -9.009  1.00 8.93  ? 10  DG  A "C5'" 1 
ATOM   186 C  "C4'" . DG  A 1 10 ? -8.680  -7.500  -8.246  1.00 10.89 ? 10  DG  A "C4'" 1 
ATOM   187 O  "O4'" . DG  A 1 10 ? -9.504  -6.778  -7.285  1.00 11.73 ? 10  DG  A "O4'" 1 
ATOM   188 C  "C3'" . DG  A 1 10 ? -9.658  -8.255  -9.153  1.00 11.18 ? 10  DG  A "C3'" 1 
ATOM   189 O  "O3'" . DG  A 1 10 ? -9.323  -9.651  -9.126  1.00 11.12 ? 10  DG  A "O3'" 1 
ATOM   190 C  "C2'" . DG  A 1 10 ? -11.025 -8.028  -8.513  1.00 10.64 ? 10  DG  A "C2'" 1 
ATOM   191 C  "C1'" . DG  A 1 10 ? -10.726 -7.540  -7.117  1.00 10.58 ? 10  DG  A "C1'" 1 
ATOM   192 N  N9    . DG  A 1 10 ? -11.581 -6.524  -6.501  1.00 10.47 ? 10  DG  A N9    1 
ATOM   193 C  C8    . DG  A 1 10 ? -12.073 -5.383  -7.098  1.00 10.19 ? 10  DG  A C8    1 
ATOM   194 N  N7    . DG  A 1 10 ? -12.812 -4.673  -6.279  1.00 9.58  ? 10  DG  A N7    1 
ATOM   195 C  C5    . DG  A 1 10 ? -12.813 -5.370  -5.087  1.00 8.30  ? 10  DG  A C5    1 
ATOM   196 C  C6    . DG  A 1 10 ? -13.437 -5.098  -3.837  1.00 9.19  ? 10  DG  A C6    1 
ATOM   197 O  O6    . DG  A 1 10 ? -14.152 -4.132  -3.518  1.00 11.23 ? 10  DG  A O6    1 
ATOM   198 N  N1    . DG  A 1 10 ? -13.167 -6.088  -2.888  1.00 7.52  ? 10  DG  A N1    1 
ATOM   199 C  C2    . DG  A 1 10 ? -12.397 -7.190  -3.122  1.00 7.55  ? 10  DG  A C2    1 
ATOM   200 N  N2    . DG  A 1 10 ? -12.227 -8.056  -2.114  1.00 10.65 ? 10  DG  A N2    1 
ATOM   201 N  N3    . DG  A 1 10 ? -11.817 -7.447  -4.279  1.00 7.29  ? 10  DG  A N3    1 
ATOM   202 C  C4    . DG  A 1 10 ? -12.058 -6.511  -5.214  1.00 8.66  ? 10  DG  A C4    1 
ATOM   203 O  "O5'" . DC  B 1 1  ? -16.173 -7.606  6.136   1.00 17.48 ? 11  DC  B "O5'" 1 
ATOM   204 C  "C5'" . DC  B 1 1  ? -15.930 -8.889  5.561   1.00 10.73 ? 11  DC  B "C5'" 1 
ATOM   205 C  "C4'" . DC  B 1 1  ? -14.711 -8.785  4.686   1.00 9.64  ? 11  DC  B "C4'" 1 
ATOM   206 O  "O4'" . DC  B 1 1  ? -15.023 -8.100  3.457   1.00 8.45  ? 11  DC  B "O4'" 1 
ATOM   207 C  "C3'" . DC  B 1 1  ? -13.510 -8.043  5.291   1.00 11.83 ? 11  DC  B "C3'" 1 
ATOM   208 O  "O3'" . DC  B 1 1  ? -12.325 -8.765  4.916   1.00 13.24 ? 11  DC  B "O3'" 1 
ATOM   209 C  "C2'" . DC  B 1 1  ? -13.511 -6.723  4.502   1.00 12.39 ? 11  DC  B "C2'" 1 
ATOM   210 C  "C1'" . DC  B 1 1  ? -13.906 -7.290  3.126   1.00 10.60 ? 11  DC  B "C1'" 1 
ATOM   211 N  N1    . DC  B 1 1  ? -14.259 -6.284  2.122   1.00 6.81  ? 11  DC  B N1    1 
ATOM   212 C  C2    . DC  B 1 1  ? -13.861 -6.501  0.795   1.00 6.86  ? 11  DC  B C2    1 
ATOM   213 O  O2    . DC  B 1 1  ? -13.227 -7.534  0.519   1.00 9.43  ? 11  DC  B O2    1 
ATOM   214 N  N3    . DC  B 1 1  ? -14.168 -5.595  -0.159  1.00 7.48  ? 11  DC  B N3    1 
ATOM   215 C  C4    . DC  B 1 1  ? -14.851 -4.498  0.180   1.00 8.61  ? 11  DC  B C4    1 
ATOM   216 N  N4    . DC  B 1 1  ? -15.144 -3.616  -0.780  1.00 10.02 ? 11  DC  B N4    1 
ATOM   217 C  C5    . DC  B 1 1  ? -15.264 -4.255  1.507   1.00 8.34  ? 11  DC  B C5    1 
ATOM   218 C  C6    . DC  B 1 1  ? -14.956 -5.158  2.445   1.00 8.77  ? 11  DC  B C6    1 
ATOM   219 P  P     . DC  B 1 2  ? -11.132 -8.968  5.970   1.00 15.32 ? 12  DC  B P     1 
ATOM   220 O  OP1   . DC  B 1 2  ? -11.598 -9.952  6.964   1.00 20.94 ? 12  DC  B OP1   1 
ATOM   221 O  OP2   . DC  B 1 2  ? -10.695 -7.611  6.361   1.00 16.35 ? 12  DC  B OP2   1 
ATOM   222 O  "O5'" . DC  B 1 2  ? -10.040 -9.635  5.035   1.00 14.48 ? 12  DC  B "O5'" 1 
ATOM   223 C  "C5'" . DC  B 1 2  ? -10.333 -10.871 4.378   1.00 13.32 ? 12  DC  B "C5'" 1 
ATOM   224 C  "C4'" . DC  B 1 2  ? -9.528  -10.913 3.091   1.00 11.72 ? 12  DC  B "C4'" 1 
ATOM   225 O  "O4'" . DC  B 1 2  ? -10.086 -9.936  2.172   1.00 12.17 ? 12  DC  B "O4'" 1 
ATOM   226 C  "C3'" . DC  B 1 2  ? -8.065  -10.516 3.328   1.00 11.86 ? 12  DC  B "C3'" 1 
ATOM   227 O  "O3'" . DC  B 1 2  ? -7.217  -11.418 2.612   1.00 10.92 ? 12  DC  B "O3'" 1 
ATOM   228 C  "C2'" . DC  B 1 2  ? -7.968  -9.131  2.757   1.00 11.39 ? 12  DC  B "C2'" 1 
ATOM   229 C  "C1'" . DC  B 1 2  ? -9.071  -9.070  1.701   1.00 10.55 ? 12  DC  B "C1'" 1 
ATOM   230 N  N1    . DC  B 1 2  ? -9.640  -7.713  1.561   1.00 9.80  ? 12  DC  B N1    1 
ATOM   231 C  C2    . DC  B 1 2  ? -9.814  -7.189  0.277   1.00 8.30  ? 12  DC  B C2    1 
ATOM   232 O  O2    . DC  B 1 2  ? -9.488  -7.873  -0.721  1.00 9.37  ? 12  DC  B O2    1 
ATOM   233 N  N3    . DC  B 1 2  ? -10.335 -5.946  0.141   1.00 8.20  ? 12  DC  B N3    1 
ATOM   234 C  C4    . DC  B 1 2  ? -10.679 -5.229  1.221   1.00 9.38  ? 12  DC  B C4    1 
ATOM   235 N  N4    . DC  B 1 2  ? -11.188 -4.004  0.994   1.00 7.85  ? 12  DC  B N4    1 
ATOM   236 C  C5    . DC  B 1 2  ? -10.514 -5.731  2.543   1.00 8.12  ? 12  DC  B C5    1 
ATOM   237 C  C6    . DC  B 1 2  ? -9.995  -6.968  2.667   1.00 9.62  ? 12  DC  B C6    1 
ATOM   238 P  P     . DT  B 1 3  ? -5.663  -11.219 2.411   1.00 11.37 ? 13  DT  B P     1 
ATOM   239 O  OP1   . DT  B 1 3  ? -5.114  -12.597 2.199   1.00 11.91 ? 13  DT  B OP1   1 
ATOM   240 O  OP2   . DT  B 1 3  ? -5.055  -10.377 3.456   1.00 14.69 ? 13  DT  B OP2   1 
ATOM   241 O  "O5'" . DT  B 1 3  ? -5.578  -10.429 1.029   1.00 9.31  ? 13  DT  B "O5'" 1 
ATOM   242 C  "C5'" . DT  B 1 3  ? -5.956  -11.052 -0.198  1.00 8.27  ? 13  DT  B "C5'" 1 
ATOM   243 C  "C4'" . DT  B 1 3  ? -5.465  -10.264 -1.388  1.00 10.10 ? 13  DT  B "C4'" 1 
ATOM   244 O  "O4'" . DT  B 1 3  ? -6.061  -8.942  -1.466  1.00 11.90 ? 13  DT  B "O4'" 1 
ATOM   245 C  "C3'" . DT  B 1 3  ? -3.946  -9.997  -1.378  1.00 10.27 ? 13  DT  B "C3'" 1 
ATOM   246 O  "O3'" . DT  B 1 3  ? -3.530  -10.175 -2.726  1.00 9.26  ? 13  DT  B "O3'" 1 
ATOM   247 C  "C2'" . DT  B 1 3  ? -3.838  -8.562  -0.915  1.00 10.36 ? 13  DT  B "C2'" 1 
ATOM   248 C  "C1'" . DT  B 1 3  ? -5.042  -7.904  -1.516  1.00 10.59 ? 13  DT  B "C1'" 1 
ATOM   249 N  N1    . DT  B 1 3  ? -5.690  -6.799  -0.775  1.00 8.32  ? 13  DT  B N1    1 
ATOM   250 C  C2    . DT  B 1 3  ? -6.094  -5.681  -1.460  1.00 8.57  ? 13  DT  B C2    1 
ATOM   251 O  O2    . DT  B 1 3  ? -5.956  -5.526  -2.664  1.00 12.14 ? 13  DT  B O2    1 
ATOM   252 N  N3    . DT  B 1 3  ? -6.688  -4.690  -0.713  1.00 7.20  ? 13  DT  B N3    1 
ATOM   253 C  C4    . DT  B 1 3  ? -6.908  -4.732  0.650   1.00 7.08  ? 13  DT  B C4    1 
ATOM   254 O  O4    . DT  B 1 3  ? -7.453  -3.780  1.215   1.00 7.04  ? 13  DT  B O4    1 
ATOM   255 C  C5    . DT  B 1 3  ? -6.458  -5.935  1.304   1.00 7.56  ? 13  DT  B C5    1 
ATOM   256 C  C7    . DT  B 1 3  ? -6.664  -6.048  2.781   1.00 12.34 ? 13  DT  B C7    1 
ATOM   257 C  C6    . DT  B 1 3  ? -5.878  -6.906  0.585   1.00 7.14  ? 13  DT  B C6    1 
ATOM   258 P  P     . DT  B 1 4  ? -2.065  -9.916  -3.287  1.00 12.48 ? 14  DT  B P     1 
ATOM   259 O  OP1   . DT  B 1 4  ? -1.865  -10.933 -4.355  1.00 15.27 ? 14  DT  B OP1   1 
ATOM   260 O  OP2   . DT  B 1 4  ? -1.095  -9.808  -2.177  1.00 9.80  ? 14  DT  B OP2   1 
ATOM   261 O  "O5'" . DT  B 1 4  ? -2.175  -8.482  -3.992  1.00 12.05 ? 14  DT  B "O5'" 1 
ATOM   262 C  "C5'" . DT  B 1 4  ? -3.032  -8.347  -5.128  1.00 12.29 ? 14  DT  B "C5'" 1 
ATOM   263 C  "C4'" . DT  B 1 4  ? -2.981  -6.947  -5.662  1.00 10.04 ? 14  DT  B "C4'" 1 
ATOM   264 O  "O4'" . DT  B 1 4  ? -3.427  -6.023  -4.647  1.00 10.62 ? 14  DT  B "O4'" 1 
ATOM   265 C  "C3'" . DT  B 1 4  ? -1.565  -6.483  -6.075  1.00 11.80 ? 14  DT  B "C3'" 1 
ATOM   266 O  "O3'" . DT  B 1 4  ? -1.746  -5.972  -7.388  1.00 15.20 ? 14  DT  B "O3'" 1 
ATOM   267 C  "C2'" . DT  B 1 4  ? -1.208  -5.473  -4.994  1.00 9.78  ? 14  DT  B "C2'" 1 
ATOM   268 C  "C1'" . DT  B 1 4  ? -2.520  -4.879  -4.593  1.00 10.34 ? 14  DT  B "C1'" 1 
ATOM   269 N  N1    . DT  B 1 4  ? -2.834  -4.424  -3.218  1.00 9.24  ? 14  DT  B N1    1 
ATOM   270 C  C2    . DT  B 1 4  ? -3.484  -3.229  -3.042  1.00 10.12 ? 14  DT  B C2    1 
ATOM   271 O  O2    . DT  B 1 4  ? -3.836  -2.485  -3.947  1.00 12.36 ? 14  DT  B O2    1 
ATOM   272 N  N3    . DT  B 1 4  ? -3.735  -2.889  -1.734  1.00 10.78 ? 14  DT  B N3    1 
ATOM   273 C  C4    . DT  B 1 4  ? -3.390  -3.640  -0.621  1.00 9.93  ? 14  DT  B C4    1 
ATOM   274 O  O4    . DT  B 1 4  ? -3.665  -3.233  0.496   1.00 10.18 ? 14  DT  B O4    1 
ATOM   275 C  C5    . DT  B 1 4  ? -2.709  -4.884  -0.876  1.00 10.12 ? 14  DT  B C5    1 
ATOM   276 C  C7    . DT  B 1 4  ? -2.308  -5.746  0.280   1.00 13.80 ? 14  DT  B C7    1 
ATOM   277 C  C6    . DT  B 1 4  ? -2.466  -5.215  -2.151  1.00 8.81  ? 14  DT  B C6    1 
ATOM   278 P  P     . DT  B 1 5  ? -0.538  -5.493  -8.340  1.00 18.69 ? 15  DT  B P     1 
ATOM   279 O  OP1   . DT  B 1 5  ? -1.071  -5.705  -9.705  1.00 21.20 ? 15  DT  B OP1   1 
ATOM   280 O  OP2   . DT  B 1 5  ? 0.741   -6.014  -7.836  1.00 25.96 ? 15  DT  B OP2   1 
ATOM   281 O  "O5'" . DT  B 1 5  ? -0.548  -3.917  -7.997  1.00 15.48 ? 15  DT  B "O5'" 1 
ATOM   282 C  "C5'" . DT  B 1 5  ? -1.717  -3.207  -8.419  1.00 11.95 ? 15  DT  B "C5'" 1 
ATOM   283 C  "C4'" . DT  B 1 5  ? -1.677  -1.814  -7.851  1.00 9.31  ? 15  DT  B "C4'" 1 
ATOM   284 O  "O4'" . DT  B 1 5  ? -1.711  -1.770  -6.422  1.00 8.70  ? 15  DT  B "O4'" 1 
ATOM   285 C  "C3'" . DT  B 1 5  ? -0.441  -1.027  -8.296  1.00 7.21  ? 15  DT  B "C3'" 1 
ATOM   286 O  "O3'" . DT  B 1 5  ? -0.915  0.045   -9.114  1.00 8.67  ? 15  DT  B "O3'" 1 
ATOM   287 C  "C2'" . DT  B 1 5  ? 0.169   -0.569  -7.001  1.00 7.00  ? 15  DT  B "C2'" 1 
ATOM   288 C  "C1'" . DT  B 1 5  ? -0.895  -0.669  -5.960  1.00 7.65  ? 15  DT  B "C1'" 1 
ATOM   289 N  N1    . DT  B 1 5  ? -0.628  -1.155  -4.595  1.00 6.52  ? 15  DT  B N1    1 
ATOM   290 C  C2    . DT  B 1 5  ? -1.195  -0.456  -3.553  1.00 6.29  ? 15  DT  B C2    1 
ATOM   291 O  O2    . DT  B 1 5  ? -1.897  0.532   -3.686  1.00 7.28  ? 15  DT  B O2    1 
ATOM   292 N  N3    . DT  B 1 5  ? -0.896  -0.974  -2.323  1.00 6.83  ? 15  DT  B N3    1 
ATOM   293 C  C4    . DT  B 1 5  ? -0.117  -2.079  -2.068  1.00 8.51  ? 15  DT  B C4    1 
ATOM   294 O  O4    . DT  B 1 5  ? 0.073   -2.440  -0.915  1.00 10.41 ? 15  DT  B O4    1 
ATOM   295 C  C5    . DT  B 1 5  ? 0.445   -2.766  -3.204  1.00 9.18  ? 15  DT  B C5    1 
ATOM   296 C  C7    . DT  B 1 5  ? 1.297   -3.970  -2.966  1.00 7.84  ? 15  DT  B C7    1 
ATOM   297 C  C6    . DT  B 1 5  ? 0.168   -2.276  -4.423  1.00 7.92  ? 15  DT  B C6    1 
ATOM   298 P  P     . DA  B 1 6  ? 0.003   1.114   -9.873  1.00 9.41  ? 16  DA  B P     1 
ATOM   299 O  OP1   . DA  B 1 6  ? -0.837  1.673   -10.962 1.00 10.09 ? 16  DA  B OP1   1 
ATOM   300 O  OP2   . DA  B 1 6  ? 1.287   0.459   -10.181 1.00 9.53  ? 16  DA  B OP2   1 
ATOM   301 O  "O5'" . DA  B 1 6  ? 0.260   2.253   -8.797  1.00 8.77  ? 16  DA  B "O5'" 1 
ATOM   302 C  "C5'" . DA  B 1 6  ? -0.894  2.941   -8.272  1.00 9.34  ? 16  DA  B "C5'" 1 
ATOM   303 C  "C4'" . DA  B 1 6  ? -0.397  3.796   -7.129  1.00 7.98  ? 16  DA  B "C4'" 1 
ATOM   304 O  "O4'" . DA  B 1 6  ? -0.086  2.928   -6.000  1.00 8.29  ? 16  DA  B "O4'" 1 
ATOM   305 C  "C3'" . DA  B 1 6  ? 0.886   4.574   -7.450  1.00 6.25  ? 16  DA  B "C3'" 1 
ATOM   306 O  "O3'" . DA  B 1 6  ? 0.771   5.872   -6.856  1.00 6.92  ? 16  DA  B "O3'" 1 
ATOM   307 C  "C2'" . DA  B 1 6  ? 1.959   3.768   -6.705  1.00 7.72  ? 16  DA  B "C2'" 1 
ATOM   308 C  "C1'" . DA  B 1 6  ? 1.176   3.322   -5.491  1.00 8.27  ? 16  DA  B "C1'" 1 
ATOM   309 N  N9    . DA  B 1 6  ? 1.712   2.245   -4.669  1.00 7.26  ? 16  DA  B N9    1 
ATOM   310 C  C8    . DA  B 1 6  ? 2.539   1.216   -4.995  1.00 5.50  ? 16  DA  B C8    1 
ATOM   311 N  N7    . DA  B 1 6  ? 2.812   0.436   -3.994  1.00 6.09  ? 16  DA  B N7    1 
ATOM   312 C  C5    . DA  B 1 6  ? 2.127   0.969   -2.920  1.00 5.83  ? 16  DA  B C5    1 
ATOM   313 C  C6    . DA  B 1 6  ? 2.003   0.606   -1.568  1.00 7.23  ? 16  DA  B C6    1 
ATOM   314 N  N6    . DA  B 1 6  ? 2.586   -0.442  -0.988  1.00 9.13  ? 16  DA  B N6    1 
ATOM   315 N  N1    . DA  B 1 6  ? 1.220   1.400   -0.809  1.00 6.19  ? 16  DA  B N1    1 
ATOM   316 C  C2    . DA  B 1 6  ? 0.611   2.455   -1.316  1.00 6.56  ? 16  DA  B C2    1 
ATOM   317 N  N3    . DA  B 1 6  ? 0.651   2.901   -2.580  1.00 8.00  ? 16  DA  B N3    1 
ATOM   318 C  C4    . DA  B 1 6  ? 1.435   2.100   -3.324  1.00 7.32  ? 16  DA  B C4    1 
ATOM   319 P  P     . DA  B 1 7  ? 1.185   7.177   -7.709  1.00 8.80  ? 17  DA  B P     1 
ATOM   320 O  OP1   . DA  B 1 7  ? 0.060   7.483   -8.639  1.00 11.15 ? 17  DA  B OP1   1 
ATOM   321 O  OP2   . DA  B 1 7  ? 2.505   6.944   -8.265  1.00 8.07  ? 17  DA  B OP2   1 
ATOM   322 O  "O5'" . DA  B 1 7  ? 1.131   8.275   -6.563  1.00 8.18  ? 17  DA  B "O5'" 1 
ATOM   323 C  "C5'" . DA  B 1 7  ? 2.148   8.396   -5.577  1.00 6.90  ? 17  DA  B "C5'" 1 
ATOM   324 C  "C4'" . DA  B 1 7  ? 1.499   8.257   -4.201  1.00 7.67  ? 17  DA  B "C4'" 1 
ATOM   325 O  "O4'" . DA  B 1 7  ? 1.328   6.849   -3.910  1.00 6.96  ? 17  DA  B "O4'" 1 
ATOM   326 C  "C3'" . DA  B 1 7  ? 2.471   8.742   -3.104  1.00 6.89  ? 17  DA  B "C3'" 1 
ATOM   327 O  "O3'" . DA  B 1 7  ? 2.292   10.141  -2.938  1.00 5.44  ? 17  DA  B "O3'" 1 
ATOM   328 C  "C2'" . DA  B 1 7  ? 1.931   7.995   -1.884  1.00 5.40  ? 17  DA  B "C2'" 1 
ATOM   329 C  "C1'" . DA  B 1 7  ? 1.647   6.670   -2.529  1.00 5.55  ? 17  DA  B "C1'" 1 
ATOM   330 N  N9    . DA  B 1 7  ? 2.594   5.574   -2.451  1.00 4.92  ? 17  DA  B N9    1 
ATOM   331 C  C8    . DA  B 1 7  ? 3.391   5.045   -3.442  1.00 5.97  ? 17  DA  B C8    1 
ATOM   332 N  N7    . DA  B 1 7  ? 4.131   4.057   -3.021  1.00 7.23  ? 17  DA  B N7    1 
ATOM   333 C  C5    . DA  B 1 7  ? 3.818   3.913   -1.684  1.00 6.92  ? 17  DA  B C5    1 
ATOM   334 C  C6    . DA  B 1 7  ? 4.276   3.024   -0.678  1.00 6.36  ? 17  DA  B C6    1 
ATOM   335 N  N6    . DA  B 1 7  ? 5.195   2.091   -0.954  1.00 7.62  ? 17  DA  B N6    1 
ATOM   336 N  N1    . DA  B 1 7  ? 3.744   3.167   0.547   1.00 4.87  ? 17  DA  B N1    1 
ATOM   337 C  C2    . DA  B 1 7  ? 2.827   4.120   0.761   1.00 7.16  ? 17  DA  B C2    1 
ATOM   338 N  N3    . DA  B 1 7  ? 2.318   5.013   -0.101  1.00 4.71  ? 17  DA  B N3    1 
ATOM   339 C  C4    . DA  B 1 7  ? 2.867   4.844   -1.312  1.00 4.99  ? 17  DA  B C4    1 
ATOM   340 P  P     . DA  B 1 8  ? 3.392   11.070  -2.263  1.00 7.38  ? 18  DA  B P     1 
ATOM   341 O  OP1   . DA  B 1 8  ? 2.894   12.471  -2.303  1.00 10.40 ? 18  DA  B OP1   1 
ATOM   342 O  OP2   . DA  B 1 8  ? 4.726   10.834  -2.848  1.00 9.04  ? 18  DA  B OP2   1 
ATOM   343 O  "O5'" . DA  B 1 8  ? 3.413   10.565  -0.746  1.00 6.23  ? 18  DA  B "O5'" 1 
ATOM   344 C  "C5'" . DA  B 1 8  ? 2.207   10.691  0.022   1.00 6.38  ? 18  DA  B "C5'" 1 
ATOM   345 C  "C4'" . DA  B 1 8  ? 2.444   10.287  1.464   1.00 7.19  ? 18  DA  B "C4'" 1 
ATOM   346 O  "O4'" . DA  B 1 8  ? 2.821   8.904   1.470   1.00 5.94  ? 18  DA  B "O4'" 1 
ATOM   347 C  "C3'" . DA  B 1 8  ? 3.585   11.022  2.176   1.00 8.23  ? 18  DA  B "C3'" 1 
ATOM   348 O  "O3'" . DA  B 1 8  ? 3.158   11.224  3.520   1.00 9.09  ? 18  DA  B "O3'" 1 
ATOM   349 C  "C2'" . DA  B 1 8  ? 4.744   10.061  2.086   1.00 7.85  ? 18  DA  B "C2'" 1 
ATOM   350 C  "C1'" . DA  B 1 8  ? 4.062   8.684   2.054   1.00 7.61  ? 18  DA  B "C1'" 1 
ATOM   351 N  N9    . DA  B 1 8  ? 4.878   7.742   1.298   1.00 6.83  ? 18  DA  B N9    1 
ATOM   352 C  C8    . DA  B 1 8  ? 5.345   7.895   0.011   1.00 5.86  ? 18  DA  B C8    1 
ATOM   353 N  N7    . DA  B 1 8  ? 6.056   6.898   -0.433  1.00 8.07  ? 18  DA  B N7    1 
ATOM   354 C  C5    . DA  B 1 8  ? 6.068   6.006   0.640   1.00 6.98  ? 18  DA  B C5    1 
ATOM   355 C  C6    . DA  B 1 8  ? 6.667   4.744   0.786   1.00 5.42  ? 18  DA  B C6    1 
ATOM   356 N  N6    . DA  B 1 8  ? 7.392   4.116   -0.144  1.00 6.48  ? 18  DA  B N6    1 
ATOM   357 N  N1    . DA  B 1 8  ? 6.471   4.146   1.983   1.00 5.29  ? 18  DA  B N1    1 
ATOM   358 C  C2    . DA  B 1 8  ? 5.757   4.755   2.915   1.00 8.63  ? 18  DA  B C2    1 
ATOM   359 N  N3    . DA  B 1 8  ? 5.141   5.933   2.909   1.00 8.33  ? 18  DA  B N3    1 
ATOM   360 C  C4    . DA  B 1 8  ? 5.351   6.509   1.706   1.00 7.55  ? 18  DA  B C4    1 
ATOM   361 P  P     . DG  B 1 9  ? 4.053   11.816  4.692   1.00 9.96  ? 19  DG  B P     1 
ATOM   362 O  OP1   . DG  B 1 9  ? 3.115   12.548  5.583   1.00 12.20 ? 19  DG  B OP1   1 
ATOM   363 O  OP2   . DG  B 1 9  ? 5.188   12.551  4.059   1.00 11.24 ? 19  DG  B OP2   1 
ATOM   364 O  "O5'" . DG  B 1 9  ? 4.571   10.542  5.466   1.00 8.59  ? 19  DG  B "O5'" 1 
ATOM   365 C  "C5'" . DG  B 1 9  ? 3.673   9.531   5.929   1.00 8.00  ? 19  DG  B "C5'" 1 
ATOM   366 C  "C4'" . DG  B 1 9  ? 4.437   8.441   6.651   1.00 7.30  ? 19  DG  B "C4'" 1 
ATOM   367 O  "O4'" . DG  B 1 9  ? 5.218   7.638   5.744   1.00 7.80  ? 19  DG  B "O4'" 1 
ATOM   368 C  "C3'" . DG  B 1 9  ? 5.440   8.972   7.686   1.00 9.92  ? 19  DG  B "C3'" 1 
ATOM   369 O  "O3'" . DG  B 1 9  ? 5.236   8.167   8.855   1.00 11.04 ? 19  DG  B "O3'" 1 
ATOM   370 C  "C2'" . DG  B 1 9  ? 6.798   8.740   7.067   1.00 8.47  ? 19  DG  B "C2'" 1 
ATOM   371 C  "C1'" . DG  B 1 9  ? 6.578   7.514   6.217   1.00 8.31  ? 19  DG  B "C1'" 1 
ATOM   372 N  N9    . DG  B 1 9  ? 7.322   7.380   4.962   1.00 7.74  ? 19  DG  B N9    1 
ATOM   373 C  C8    . DG  B 1 9  ? 7.352   8.295   3.937   1.00 7.73  ? 19  DG  B C8    1 
ATOM   374 N  N7    . DG  B 1 9  ? 8.099   7.912   2.939   1.00 7.15  ? 19  DG  B N7    1 
ATOM   375 C  C5    . DG  B 1 9  ? 8.593   6.669   3.326   1.00 6.25  ? 19  DG  B C5    1 
ATOM   376 C  C6    . DG  B 1 9  ? 9.458   5.771   2.651   1.00 6.29  ? 19  DG  B C6    1 
ATOM   377 O  O6    . DG  B 1 9  ? 9.983   5.901   1.527   1.00 8.14  ? 19  DG  B O6    1 
ATOM   378 N  N1    . DG  B 1 9  ? 9.715   4.614   3.391   1.00 7.27  ? 19  DG  B N1    1 
ATOM   379 C  C2    . DG  B 1 9  ? 9.181   4.386   4.635   1.00 8.37  ? 19  DG  B C2    1 
ATOM   380 N  N2    . DG  B 1 9  ? 9.523   3.223   5.222   1.00 6.48  ? 19  DG  B N2    1 
ATOM   381 N  N3    . DG  B 1 9  ? 8.372   5.212   5.279   1.00 7.37  ? 19  DG  B N3    1 
ATOM   382 C  C4    . DG  B 1 9  ? 8.115   6.335   4.577   1.00 7.14  ? 19  DG  B C4    1 
ATOM   383 P  P     . DG  B 1 10 ? 5.811   8.501   10.291  1.00 10.21 ? 20  DG  B P     1 
ATOM   384 O  OP1   . DG  B 1 10 ? 4.858   7.958   11.296  1.00 12.22 ? 20  DG  B OP1   1 
ATOM   385 O  OP2   . DG  B 1 10 ? 6.136   9.948   10.341  1.00 12.88 ? 20  DG  B OP2   1 
ATOM   386 O  "O5'" . DG  B 1 10 ? 7.185   7.684   10.280  1.00 7.67  ? 20  DG  B "O5'" 1 
ATOM   387 C  "C5'" . DG  B 1 10 ? 7.182   6.250   10.278  1.00 8.66  ? 20  DG  B "C5'" 1 
ATOM   388 C  "C4'" . DG  B 1 10 ? 8.576   5.802   9.898   1.00 8.98  ? 20  DG  B "C4'" 1 
ATOM   389 O  "O4'" . DG  B 1 10 ? 8.939   6.233   8.566   1.00 8.12  ? 20  DG  B "O4'" 1 
ATOM   390 C  "C3'" . DG  B 1 10 ? 9.717   6.324   10.776  1.00 9.02  ? 20  DG  B "C3'" 1 
ATOM   391 O  "O3'" . DG  B 1 10 ? 10.156  5.271   11.646  1.00 14.02 ? 20  DG  B "O3'" 1 
ATOM   392 C  "C2'" . DG  B 1 10 ? 10.826  6.721   9.826   1.00 7.31  ? 20  DG  B "C2'" 1 
ATOM   393 C  "C1'" . DG  B 1 10 ? 10.378  6.149   8.514   1.00 8.04  ? 20  DG  B "C1'" 1 
ATOM   394 N  N9    . DG  B 1 10 ? 10.685  6.777   7.238   1.00 9.32  ? 20  DG  B N9    1 
ATOM   395 C  C8    . DG  B 1 10 ? 10.209  8.017   6.864   1.00 9.21  ? 20  DG  B C8    1 
ATOM   396 N  N7    . DG  B 1 10 ? 10.609  8.380   5.686   1.00 9.00  ? 20  DG  B N7    1 
ATOM   397 C  C5    . DG  B 1 10 ? 11.400  7.315   5.246   1.00 8.36  ? 20  DG  B C5    1 
ATOM   398 C  C6    . DG  B 1 10 ? 12.115  7.115   4.037   1.00 9.24  ? 20  DG  B C6    1 
ATOM   399 O  O6    . DG  B 1 10 ? 12.180  7.898   3.078   1.00 10.05 ? 20  DG  B O6    1 
ATOM   400 N  N1    . DG  B 1 10 ? 12.786  5.896   4.001   1.00 9.02  ? 20  DG  B N1    1 
ATOM   401 C  C2    . DG  B 1 10 ? 12.772  4.962   5.017   1.00 9.28  ? 20  DG  B C2    1 
ATOM   402 N  N2    . DG  B 1 10 ? 13.471  3.827   4.833   1.00 8.59  ? 20  DG  B N2    1 
ATOM   403 N  N3    . DG  B 1 10 ? 12.106  5.146   6.144   1.00 8.20  ? 20  DG  B N3    1 
ATOM   404 C  C4    . DG  B 1 10 ? 11.450  6.317   6.205   1.00 8.86  ? 20  DG  B C4    1 
HETATM 405 MG MG    . MG  C 2 .  ? 12.557  1.340   8.321   1.00 9.38  ? 22  MG  A MG    1 
HETATM 406 MG MG    . MG  D 2 .  ? -9.283  -10.998 -3.476  1.00 10.68 ? 23  MG  A MG    1 
HETATM 407 MG MG    . MG  E 2 .  ? -1.198  7.280   1.492   1.00 6.30  ? 21  MG  B MG    1 
HETATM 408 MG MG    . MG  F 2 .  ? -1.674  -4.088  -13.652 1.00 15.85 ? 24  MG  B MG    1 
HETATM 409 O  O     . HOH G 3 .  ? 3.099   5.581   5.031   1.00 10.70 ? 27  HOH A O     1 
HETATM 410 O  O     . HOH G 3 .  ? 7.760   -5.048  0.351   1.00 16.98 ? 28  HOH A O     1 
HETATM 411 O  O     . HOH G 3 .  ? 1.017   7.422   5.043   1.00 11.61 ? 29  HOH A O     1 
HETATM 412 O  O     . HOH G 3 .  ? -3.235  4.749   -1.110  1.00 8.21  ? 30  HOH A O     1 
HETATM 413 O  O     . HOH G 3 .  ? -5.028  -3.910  -7.540  1.00 13.22 ? 32  HOH A O     1 
HETATM 414 O  O     . HOH G 3 .  ? -6.704  -8.060  -5.231  1.00 12.05 ? 34  HOH A O     1 
HETATM 415 O  O     . HOH G 3 .  ? -4.455  7.251   -0.854  1.00 9.88  ? 36  HOH A O     1 
HETATM 416 O  O     . HOH G 3 .  ? 6.630   3.775   6.952   1.00 7.14  ? 38  HOH A O     1 
HETATM 417 O  O     . HOH G 3 .  ? 8.446   2.531   8.551   1.00 14.81 ? 39  HOH A O     1 
HETATM 418 O  O     . HOH G 3 .  ? 15.572  0.172   5.573   1.00 14.04 ? 40  HOH A O     1 
HETATM 419 O  O     . HOH G 3 .  ? 14.602  -1.830  6.667   1.00 18.35 ? 41  HOH A O     1 
HETATM 420 O  O     . HOH G 3 .  ? 15.903  0.592   3.136   1.00 16.95 ? 42  HOH A O     1 
HETATM 421 O  O     . HOH G 3 .  ? 21.388  -0.529  -0.228  1.00 16.98 ? 43  HOH A O     1 
HETATM 422 O  O     . HOH G 3 .  ? -4.931  5.792   -5.076  1.00 32.75 ? 44  HOH A O     1 
HETATM 423 O  O     . HOH G 3 .  ? 8.893   0.559   -1.995  1.00 10.38 ? 47  HOH A O     1 
HETATM 424 O  O     . HOH G 3 .  ? 12.469  -0.285  -3.452  1.00 25.83 ? 48  HOH A O     1 
HETATM 425 O  O     . HOH G 3 .  ? 14.693  1.029   -4.655  1.00 17.12 ? 49  HOH A O     1 
HETATM 426 O  O     . HOH G 3 .  ? 10.240  -7.070  0.156   1.00 12.95 ? 50  HOH A O     1 
HETATM 427 O  O     . HOH G 3 .  ? 8.051   -4.235  3.109   1.00 7.08  ? 51  HOH A O     1 
HETATM 428 O  O     . HOH G 3 .  ? 5.184   -2.260  -0.359  1.00 16.56 ? 52  HOH A O     1 
HETATM 429 O  O     . HOH G 3 .  ? 3.746   -4.450  0.121   1.00 18.70 ? 53  HOH A O     1 
HETATM 430 O  O     . HOH G 3 .  ? 3.328   -5.149  4.938   1.00 12.92 ? 54  HOH A O     1 
HETATM 431 O  O     . HOH G 3 .  ? 3.365   -3.096  6.528   1.00 14.22 ? 55  HOH A O     1 
HETATM 432 O  O     . HOH G 3 .  ? 1.458   -3.471  1.009   1.00 18.41 ? 56  HOH A O     1 
HETATM 433 O  O     . HOH G 3 .  ? -1.543  7.325   9.076   1.00 10.76 ? 62  HOH A O     1 
HETATM 434 O  O     . HOH G 3 .  ? 0.814   7.825   7.705   1.00 16.64 ? 63  HOH A O     1 
HETATM 435 O  O     . HOH G 3 .  ? -4.572  -4.394  -10.068 1.00 17.95 ? 64  HOH A O     1 
HETATM 436 O  O     . HOH G 3 .  ? -4.062  9.945   3.418   1.00 20.62 ? 65  HOH A O     1 
HETATM 437 O  O     . HOH G 3 .  ? 16.266  -2.744  -4.410  1.00 17.22 ? 70  HOH A O     1 
HETATM 438 O  O     . HOH G 3 .  ? 3.460   -1.337  11.374  1.00 30.77 ? 72  HOH A O     1 
HETATM 439 O  O     . HOH G 3 .  ? 5.698   -4.431  12.088  1.00 18.56 ? 73  HOH A O     1 
HETATM 440 O  O     . HOH G 3 .  ? -1.240  5.488   11.152  1.00 19.23 ? 74  HOH A O     1 
HETATM 441 O  O     . HOH G 3 .  ? -8.843  0.283   2.923   1.00 17.90 ? 75  HOH A O     1 
HETATM 442 O  O     . HOH G 3 .  ? -4.888  3.105   -4.723  1.00 17.82 ? 76  HOH A O     1 
HETATM 443 O  O     . HOH G 3 .  ? 10.610  3.304   -6.437  1.00 31.84 ? 77  HOH A O     1 
HETATM 444 O  O     . HOH G 3 .  ? 4.982   -6.476  1.889   1.00 14.37 ? 78  HOH A O     1 
HETATM 445 O  O     . HOH G 3 .  ? -9.930  -2.111  -13.261 1.00 15.22 ? 81  HOH A O     1 
HETATM 446 O  O     . HOH G 3 .  ? -3.343  3.780   10.396  1.00 17.64 ? 82  HOH A O     1 
HETATM 447 O  O     . HOH G 3 .  ? 1.469   -5.494  2.820   1.00 19.13 ? 83  HOH A O     1 
HETATM 448 O  O     . HOH G 3 .  ? 11.922  -2.830  10.237  1.00 17.19 ? 84  HOH A O     1 
HETATM 449 O  O     . HOH G 3 .  ? 18.176  -3.254  -0.673  1.00 17.74 ? 86  HOH A O     1 
HETATM 450 O  O     . HOH G 3 .  ? 17.282  -0.144  -5.022  1.00 19.49 ? 94  HOH A O     1 
HETATM 451 O  O     . HOH G 3 .  ? 10.221  -1.847  -2.073  1.00 22.99 ? 95  HOH A O     1 
HETATM 452 O  O     . HOH G 3 .  ? 4.657   -3.628  14.305  1.00 18.10 ? 99  HOH A O     1 
HETATM 453 O  O     . HOH G 3 .  ? -1.088  -0.211  7.406   1.00 20.19 ? 101 HOH A O     1 
HETATM 454 O  O     . HOH G 3 .  ? 15.529  -0.420  10.710  1.00 16.15 ? 105 HOH A O     1 
HETATM 455 O  O     . HOH G 3 .  ? 10.265  0.918   -5.251  1.00 24.77 ? 109 HOH A O     1 
HETATM 456 O  O     . HOH G 3 .  ? 19.443  -1.813  1.116   1.00 21.21 ? 111 HOH A O     1 
HETATM 457 O  O     . HOH G 3 .  ? -12.392 0.397   -7.843  1.00 28.87 ? 113 HOH A O     1 
HETATM 458 O  O     . HOH G 3 .  ? -8.607  0.181   -12.788 1.00 23.85 ? 118 HOH A O     1 
HETATM 459 O  O     . HOH G 3 .  ? 15.092  -2.707  10.877  1.00 22.26 ? 119 HOH A O     1 
HETATM 460 O  O     . HOH G 3 .  ? -10.528 2.911   2.638   1.00 18.92 ? 120 HOH A O     1 
HETATM 461 O  O     . HOH G 3 .  ? 4.277   -6.064  -2.446  1.00 20.81 ? 122 HOH A O     1 
HETATM 462 O  O     . HOH G 3 .  ? -15.132 -1.687  -4.756  1.00 30.24 ? 125 HOH A O     1 
HETATM 463 O  O     . HOH G 3 .  ? -13.961 -2.461  -7.216  1.00 23.31 ? 127 HOH A O     1 
HETATM 464 O  O     . HOH G 3 .  ? 7.660   -5.178  -2.593  1.00 42.08 ? 129 HOH A O     1 
HETATM 465 O  O     . HOH G 3 .  ? 9.058   -6.974  -3.802  1.00 36.76 ? 133 HOH A O     1 
HETATM 466 O  O     . HOH G 3 .  ? -3.393  7.635   1.474   1.00 8.27  ? 135 HOH A O     1 
HETATM 467 O  O     . HOH G 3 .  ? -1.803  5.445   1.972   1.00 7.32  ? 137 HOH A O     1 
HETATM 468 O  O     . HOH G 3 .  ? -1.129  7.786   3.460   1.00 10.47 ? 138 HOH A O     1 
HETATM 469 O  O     . HOH G 3 .  ? -1.267  6.775   -0.471  1.00 8.46  ? 139 HOH A O     1 
HETATM 470 O  O     . HOH G 3 .  ? 14.386  1.186   9.084   1.00 10.91 ? 140 HOH A O     1 
HETATM 471 O  O     . HOH G 3 .  ? 10.511  1.513   7.469   1.00 12.56 ? 141 HOH A O     1 
HETATM 472 O  O     . HOH G 3 .  ? 12.673  -0.876  8.490   1.00 14.00 ? 142 HOH A O     1 
HETATM 473 O  O     . HOH G 3 .  ? 13.332  1.235   6.447   1.00 12.45 ? 144 HOH A O     1 
HETATM 474 O  O     . HOH G 3 .  ? -10.657 -9.623  -4.555  1.00 24.13 ? 148 HOH A O     1 
HETATM 475 O  O     . HOH H 3 .  ? -4.488  0.798   -7.233  1.00 25.24 ? 25  HOH B O     1 
HETATM 476 O  O     . HOH H 3 .  ? -1.940  4.167   -3.472  1.00 11.96 ? 26  HOH B O     1 
HETATM 477 O  O     . HOH H 3 .  ? -5.145  -1.490  -5.952  1.00 8.93  ? 31  HOH B O     1 
HETATM 478 O  O     . HOH H 3 .  ? -6.471  -5.441  -5.380  1.00 8.41  ? 33  HOH B O     1 
HETATM 479 O  O     . HOH H 3 .  ? -1.808  6.399   -4.594  1.00 16.06 ? 35  HOH B O     1 
HETATM 480 O  O     . HOH H 3 .  ? 4.122   5.006   7.539   1.00 11.21 ? 37  HOH B O     1 
HETATM 481 O  O     . HOH H 3 .  ? 4.591   6.105   -6.651  1.00 14.71 ? 45  HOH B O     1 
HETATM 482 O  O     . HOH H 3 .  ? 6.426   3.599   -4.371  1.00 13.14 ? 46  HOH B O     1 
HETATM 483 O  O     . HOH H 3 .  ? -15.018 -4.869  7.649   1.00 12.59 ? 57  HOH B O     1 
HETATM 484 O  O     . HOH H 3 .  ? -2.979  -3.322  3.285   1.00 14.57 ? 58  HOH B O     1 
HETATM 485 O  O     . HOH H 3 .  ? 0.407   9.464   -10.584 1.00 17.13 ? 59  HOH B O     1 
HETATM 486 O  O     . HOH H 3 .  ? 5.067   10.875  -5.473  1.00 13.10 ? 60  HOH B O     1 
HETATM 487 O  O     . HOH H 3 .  ? 3.724   0.296   -9.558  1.00 16.85 ? 61  HOH B O     1 
HETATM 488 O  O     . HOH H 3 .  ? -6.534  -14.625 0.963   1.00 17.47 ? 66  HOH B O     1 
HETATM 489 O  O     . HOH H 3 .  ? 8.552   9.210   0.445   1.00 17.40 ? 67  HOH B O     1 
HETATM 490 O  O     . HOH H 3 .  ? -12.771 -10.273 1.180   1.00 16.05 ? 68  HOH B O     1 
HETATM 491 O  O     . HOH H 3 .  ? -17.219 -1.539  -0.309  1.00 35.83 ? 69  HOH B O     1 
HETATM 492 O  O     . HOH H 3 .  ? 1.453   -2.011  -11.202 1.00 16.59 ? 71  HOH B O     1 
HETATM 493 O  O     . HOH H 3 .  ? -11.815 -2.689  3.365   1.00 14.46 ? 79  HOH B O     1 
HETATM 494 O  O     . HOH H 3 .  ? 3.172   6.055   9.851   1.00 18.30 ? 80  HOH B O     1 
HETATM 495 O  O     . HOH H 3 .  ? 4.265   -1.668  -4.257  1.00 21.00 ? 85  HOH B O     1 
HETATM 496 O  O     . HOH H 3 .  ? 7.862   10.190  -5.582  1.00 13.64 ? 87  HOH B O     1 
HETATM 497 O  O     . HOH H 3 .  ? -0.052  -10.230 -6.072  1.00 29.66 ? 88  HOH B O     1 
HETATM 498 O  O     . HOH H 3 .  ? 0.146   -7.390  -2.038  1.00 14.83 ? 89  HOH B O     1 
HETATM 499 O  O     . HOH H 3 .  ? 0.587   12.305  5.096   1.00 21.06 ? 90  HOH B O     1 
HETATM 500 O  O     . HOH H 3 .  ? -1.329  -9.529  1.206   1.00 34.83 ? 91  HOH B O     1 
HETATM 501 O  O     . HOH H 3 .  ? 6.430   0.923   -3.302  1.00 19.54 ? 92  HOH B O     1 
HETATM 502 O  O     . HOH H 3 .  ? 8.355   10.917  9.659   1.00 29.03 ? 93  HOH B O     1 
HETATM 503 O  O     . HOH H 3 .  ? 5.574   7.845   -4.816  1.00 15.68 ? 96  HOH B O     1 
HETATM 504 O  O     . HOH H 3 .  ? -2.353  10.379  -11.052 1.00 19.39 ? 97  HOH B O     1 
HETATM 505 O  O     . HOH H 3 .  ? 1.018   -8.016  1.259   1.00 32.14 ? 98  HOH B O     1 
HETATM 506 O  O     . HOH H 3 .  ? 6.346   10.077  -7.305  1.00 41.66 ? 100 HOH B O     1 
HETATM 507 O  O     . HOH H 3 .  ? -4.036  -7.152  -9.368  1.00 23.40 ? 102 HOH B O     1 
HETATM 508 O  O     . HOH H 3 .  ? -0.999  -13.330 -3.802  1.00 23.42 ? 103 HOH B O     1 
HETATM 509 O  O     . HOH H 3 .  ? 1.483   -7.762  -4.922  1.00 31.55 ? 104 HOH B O     1 
HETATM 510 O  O     . HOH H 3 .  ? -3.213  -8.330  2.574   1.00 22.45 ? 106 HOH B O     1 
HETATM 511 O  O     . HOH H 3 .  ? -3.663  -0.603  -14.160 1.00 10.96 ? 107 HOH B O     1 
HETATM 512 O  O     . HOH H 3 .  ? -12.412 -4.495  7.438   1.00 21.98 ? 108 HOH B O     1 
HETATM 513 O  O     . HOH H 3 .  ? -4.754  2.802   -8.934  1.00 24.38 ? 110 HOH B O     1 
HETATM 514 O  O     . HOH H 3 .  ? -5.492  -12.940 -3.597  1.00 23.96 ? 112 HOH B O     1 
HETATM 515 O  O     . HOH H 3 .  ? -2.895  -13.272 0.934   1.00 33.60 ? 114 HOH B O     1 
HETATM 516 O  O     . HOH H 3 .  ? 9.976   10.973  4.909   1.00 18.62 ? 115 HOH B O     1 
HETATM 517 O  O     . HOH H 3 .  ? 6.883   10.490  -1.196  1.00 24.89 ? 116 HOH B O     1 
HETATM 518 O  O     . HOH H 3 .  ? 5.052   -2.126  -9.816  1.00 30.56 ? 117 HOH B O     1 
HETATM 519 O  O     . HOH H 3 .  ? -3.770  -13.923 -1.962  1.00 27.77 ? 121 HOH B O     1 
HETATM 520 O  O     . HOH H 3 .  ? -3.725  -15.931 2.935   1.00 30.99 ? 123 HOH B O     1 
HETATM 521 O  O     . HOH H 3 .  ? -13.313 -9.557  9.050   1.00 24.74 ? 124 HOH B O     1 
HETATM 522 O  O     . HOH H 3 .  ? -3.144  -11.639 4.894   1.00 25.50 ? 126 HOH B O     1 
HETATM 523 O  O     . HOH H 3 .  ? 7.369   12.127  5.187   1.00 41.34 ? 128 HOH B O     1 
HETATM 524 O  O     . HOH H 3 .  ? -8.684  -3.137  3.619   1.00 37.40 ? 130 HOH B O     1 
HETATM 525 O  O     . HOH H 3 .  ? 3.308   12.612  8.047   1.00 24.50 ? 131 HOH B O     1 
HETATM 526 O  O     . HOH H 3 .  ? -9.335  -5.792  5.830   1.00 29.71 ? 132 HOH B O     1 
HETATM 527 O  O     . HOH H 3 .  ? 0.768   6.961   1.509   1.00 7.08  ? 134 HOH B O     1 
HETATM 528 O  O     . HOH H 3 .  ? -0.521  9.332   0.955   1.00 9.86  ? 136 HOH B O     1 
HETATM 529 O  O     . HOH H 3 .  ? 12.452  3.320   8.172   1.00 10.56 ? 143 HOH B O     1 
HETATM 530 O  O     . HOH H 3 .  ? 11.780  1.445   10.198  1.00 18.21 ? 145 HOH B O     1 
HETATM 531 O  O     . HOH H 3 .  ? -8.196  -9.332  -3.386  1.00 12.25 ? 146 HOH B O     1 
HETATM 532 O  O     . HOH H 3 .  ? -10.497 -12.860 -3.577  1.00 11.13 ? 147 HOH B O     1 
HETATM 533 O  O     . HOH H 3 .  ? -8.053  -12.228 -2.510  1.00 10.60 ? 149 HOH B O     1 
HETATM 534 O  O     . HOH H 3 .  ? -10.169 -10.514 -1.715  1.00 12.04 ? 150 HOH B O     1 
HETATM 535 O  O     . HOH H 3 .  ? -8.395  -11.483 -5.240  1.00 15.39 ? 151 HOH B O     1 
HETATM 536 O  O     . HOH H 3 .  ? -1.137  -2.329  -12.889 1.00 16.48 ? 152 HOH B O     1 
HETATM 537 O  O     . HOH H 3 .  ? -2.275  -6.054  -14.505 1.00 19.63 ? 153 HOH B O     1 
HETATM 538 O  O     . HOH H 3 .  ? -2.606  -4.273  -11.639 1.00 25.26 ? 154 HOH B O     1 
HETATM 539 O  O     . HOH H 3 .  ? -0.839  -3.922  -15.454 1.00 16.51 ? 155 HOH B O     1 
HETATM 540 O  O     . HOH H 3 .  ? 0.035   -4.914  -12.938 1.00 25.33 ? 156 HOH B O     1 
HETATM 541 O  O     . HOH H 3 .  ? -3.386  -3.260  -14.368 1.00 14.38 ? 157 HOH B O     1 
# 
